data_4ZQD
#
_entry.id   4ZQD
#
_cell.length_a   49.123
_cell.length_b   76.334
_cell.length_c   97.985
_cell.angle_alpha   89.910
_cell.angle_beta   89.990
_cell.angle_gamma   73.180
#
_symmetry.space_group_name_H-M   'P 1'
#
loop_
_entity.id
_entity.type
_entity.pdbx_description
1 polymer 'Aryl hydrocarbon receptor nuclear translocator'
2 polymer 'Endothelial PAS domain-containing protein 1'
3 non-polymer N-(3-chloro-5-fluorophenyl)-4-nitro-2,1,3-benzoxadiazol-5-amine
#
loop_
_entity_poly.entity_id
_entity_poly.type
_entity_poly.pdbx_seq_one_letter_code
_entity_poly.pdbx_strand_id
1 'polypeptide(L)'
;MSSADKERLARENHSEIERRRRNKMTAYITELSDMVPTCSALARKPDKLTILRMAVSHMKSLRGTGNTSTDGSYKPSFLT
DQELKHLILEAADGFLFIVSCETGRVVYVSDSVTPVLNQPQSEWFGSTLYDQVHPDDVDKLREQLSTSENALTGRVLDLK
TGTVKKEGQQSSMRMCMGSRRSFICRMRCGTSSVDPVSMNRLSFLRNRCRNGLGSVKEGEPHFVVVHCTGYIKAWPPAGV
SLPDDDPEAGQGSKFCLVAIGRLQVTSSPNCTDMSNICQPTEFISRHNIEGIFTFVDHRCVATVGYQPQELLGKNIVEFC
HPEDQQLLRDSFQQVVKLKGQVLSVMFRFRSKTREWLWMRTSSFTFQNPYSDEIEYIICTNTNV
;
A,C
2 'polypeptide(L)'
;MADKEKKRSSSELRKEKSRDAARCRRSKETEVFYELAHELPLPHSVSSHLDKASIMRLAISFLRTHKLLSSVCSENESEA
EADQQMDNLYLKALEGFIAVVTQDGDMIFLSENISKFMGLTQVELTGHSIFDFTHPCDHEEIRENLTLKNGSGFGKKSKD
VSTERDFFMRMKCTVTNRGRTVNLKSATWKVLHCTGQVRVYNNCPPHSSLCGSKEPLLSCLIIMCEPIQHPSHMDIPLDS
KTFLSRHSMDMKFTYCDDRILELIGYHPEELLGRSAYEFYHALDSENMTKSHQNLCTKGQVVSGQYRMLAKHGGYVWLET
QGTVIYNPRNLQPQCIMCVNYVLSEIEKNDVVFSMDQTES
;
B,D
#
# COMPACT_ATOMS: atom_id res chain seq x y z
N ARG A 20 -36.79 -20.74 -7.87
CA ARG A 20 -35.57 -21.55 -7.87
C ARG A 20 -35.51 -22.31 -6.57
N ARG A 21 -36.43 -21.97 -5.70
CA ARG A 21 -36.61 -22.68 -4.46
C ARG A 21 -36.76 -24.16 -4.79
N ARG A 22 -37.59 -24.44 -5.78
CA ARG A 22 -37.96 -25.79 -6.19
C ARG A 22 -36.77 -26.51 -6.82
N ASN A 23 -36.03 -25.85 -7.71
CA ASN A 23 -34.96 -26.53 -8.44
C ASN A 23 -33.86 -27.01 -7.51
N LYS A 24 -33.60 -26.21 -6.49
CA LYS A 24 -32.56 -26.62 -5.58
C LYS A 24 -33.13 -27.38 -4.44
N MET A 25 -34.45 -27.34 -4.31
CA MET A 25 -35.12 -28.29 -3.44
C MET A 25 -34.90 -29.69 -3.94
N THR A 26 -34.92 -29.76 -5.25
CA THR A 26 -34.72 -30.99 -5.92
C THR A 26 -33.22 -31.33 -6.00
N ALA A 27 -32.33 -30.34 -5.96
CA ALA A 27 -30.89 -30.66 -5.79
C ALA A 27 -30.63 -31.37 -4.46
N TYR A 28 -31.20 -30.77 -3.42
CA TYR A 28 -31.14 -31.31 -2.08
C TYR A 28 -31.57 -32.75 -2.16
N ILE A 29 -32.80 -32.96 -2.61
CA ILE A 29 -33.38 -34.29 -2.55
C ILE A 29 -32.65 -35.27 -3.45
N THR A 30 -32.09 -34.76 -4.55
CA THR A 30 -31.29 -35.60 -5.45
C THR A 30 -30.08 -36.22 -4.78
N GLU A 31 -29.15 -35.40 -4.32
CA GLU A 31 -27.95 -36.08 -3.85
C GLU A 31 -28.17 -36.65 -2.45
N LEU A 32 -29.21 -36.15 -1.78
CA LEU A 32 -29.72 -36.83 -0.61
C LEU A 32 -29.97 -38.29 -0.97
N SER A 33 -30.82 -38.48 -1.97
CA SER A 33 -31.03 -39.80 -2.56
C SER A 33 -29.74 -40.58 -2.80
N ASP A 34 -28.74 -39.92 -3.36
CA ASP A 34 -27.59 -40.72 -3.80
C ASP A 34 -26.62 -41.16 -2.73
N MET A 35 -26.56 -40.47 -1.59
CA MET A 35 -25.73 -41.06 -0.54
C MET A 35 -26.37 -42.18 0.28
N VAL A 36 -27.65 -42.45 0.07
CA VAL A 36 -28.24 -43.60 0.74
C VAL A 36 -27.96 -44.81 -0.15
N PRO A 37 -27.09 -45.72 0.32
CA PRO A 37 -26.50 -46.77 -0.51
C PRO A 37 -27.53 -47.80 -0.96
N THR A 38 -28.37 -48.22 -0.02
CA THR A 38 -29.37 -49.21 -0.33
C THR A 38 -30.54 -48.56 -1.06
N CYS A 39 -30.50 -47.24 -1.14
CA CYS A 39 -31.38 -46.46 -2.00
C CYS A 39 -30.80 -46.14 -3.37
N SER A 40 -29.62 -45.52 -3.39
CA SER A 40 -28.97 -45.14 -4.64
C SER A 40 -28.77 -46.35 -5.56
N ALA A 41 -28.75 -47.54 -4.95
CA ALA A 41 -28.63 -48.80 -5.68
C ALA A 41 -29.97 -49.30 -6.23
N LYS A 48 -40.81 -38.60 -3.74
CA LYS A 48 -40.48 -37.74 -2.60
C LYS A 48 -40.66 -38.46 -1.26
N LEU A 49 -41.92 -38.77 -0.91
CA LEU A 49 -42.30 -39.31 0.41
C LEU A 49 -41.43 -40.51 0.80
N THR A 50 -41.19 -41.37 -0.21
CA THR A 50 -40.35 -42.58 -0.11
C THR A 50 -38.84 -42.34 0.08
N ILE A 51 -38.23 -41.47 -0.74
CA ILE A 51 -36.82 -41.12 -0.55
C ILE A 51 -36.63 -40.68 0.89
N LEU A 52 -37.65 -39.97 1.36
CA LEU A 52 -37.62 -39.42 2.68
C LEU A 52 -37.70 -40.46 3.78
N ARG A 53 -38.73 -41.30 3.78
CA ARG A 53 -38.85 -42.26 4.90
C ARG A 53 -37.76 -43.36 4.80
N MET A 54 -37.20 -43.55 3.61
CA MET A 54 -36.07 -44.47 3.45
C MET A 54 -34.84 -43.88 4.12
N ALA A 55 -34.64 -42.58 3.94
CA ALA A 55 -33.56 -41.92 4.67
C ALA A 55 -33.78 -42.05 6.18
N VAL A 56 -35.03 -41.86 6.61
CA VAL A 56 -35.36 -41.97 8.04
C VAL A 56 -34.99 -43.32 8.66
N SER A 57 -35.56 -44.38 8.10
CA SER A 57 -35.25 -45.74 8.58
C SER A 57 -33.75 -45.94 8.56
N HIS A 58 -33.12 -45.28 7.60
CA HIS A 58 -31.69 -45.38 7.50
C HIS A 58 -30.99 -44.75 8.71
N MET A 59 -31.58 -43.67 9.23
CA MET A 59 -31.01 -43.05 10.41
C MET A 59 -31.16 -43.99 11.58
N LYS A 60 -32.35 -44.58 11.65
CA LYS A 60 -32.72 -45.59 12.64
C LYS A 60 -31.75 -46.74 12.72
N SER A 61 -31.22 -47.10 11.56
CA SER A 61 -30.26 -48.19 11.52
C SER A 61 -28.99 -47.76 12.24
N LEU A 62 -28.74 -46.46 12.23
CA LEU A 62 -27.53 -45.93 12.84
C LEU A 62 -27.81 -45.56 14.28
N THR A 80 -21.72 -39.34 16.29
CA THR A 80 -21.42 -38.09 16.99
C THR A 80 -20.78 -38.41 18.36
N ASP A 81 -20.20 -39.61 18.55
CA ASP A 81 -19.57 -39.93 19.86
C ASP A 81 -18.09 -40.37 19.95
N GLN A 82 -17.79 -41.66 19.79
CA GLN A 82 -16.38 -42.10 19.76
C GLN A 82 -15.64 -41.52 18.57
N GLU A 83 -16.32 -41.42 17.44
CA GLU A 83 -15.82 -40.69 16.28
C GLU A 83 -15.37 -39.27 16.66
N LEU A 84 -16.18 -38.60 17.48
CA LEU A 84 -15.94 -37.23 17.89
C LEU A 84 -14.53 -37.08 18.45
N LYS A 85 -14.15 -37.99 19.32
CA LYS A 85 -12.76 -38.19 19.70
C LYS A 85 -11.78 -38.05 18.52
N HIS A 86 -11.93 -38.87 17.49
CA HIS A 86 -10.96 -38.81 16.38
C HIS A 86 -11.02 -37.46 15.70
N LEU A 87 -12.20 -36.85 15.73
CA LEU A 87 -12.39 -35.52 15.17
C LEU A 87 -11.50 -34.49 15.85
N ILE A 88 -11.42 -34.59 17.17
CA ILE A 88 -10.53 -33.72 17.91
C ILE A 88 -9.09 -34.00 17.55
N LEU A 89 -8.77 -35.29 17.55
CA LEU A 89 -7.43 -35.74 17.28
C LEU A 89 -6.98 -35.21 15.94
N GLU A 90 -7.93 -35.06 15.03
CA GLU A 90 -7.62 -34.59 13.71
C GLU A 90 -7.44 -33.08 13.69
N ALA A 91 -8.47 -32.37 14.14
CA ALA A 91 -8.47 -30.91 14.05
C ALA A 91 -7.49 -30.28 15.02
N ALA A 92 -7.76 -30.47 16.30
CA ALA A 92 -6.96 -29.83 17.32
C ALA A 92 -5.70 -30.62 17.57
N ASP A 93 -5.74 -31.91 17.25
CA ASP A 93 -4.70 -32.83 17.63
C ASP A 93 -4.68 -32.91 19.15
N GLY A 94 -5.85 -33.16 19.73
CA GLY A 94 -5.99 -33.15 21.17
C GLY A 94 -6.48 -34.47 21.72
N PHE A 95 -6.49 -34.61 23.04
CA PHE A 95 -7.03 -35.81 23.69
C PHE A 95 -7.67 -35.41 25.01
N LEU A 96 -8.65 -36.16 25.47
CA LEU A 96 -9.35 -35.80 26.70
C LEU A 96 -8.82 -36.60 27.90
N PHE A 97 -8.88 -35.97 29.06
CA PHE A 97 -8.50 -36.59 30.32
C PHE A 97 -9.17 -35.94 31.53
N ILE A 98 -9.36 -36.74 32.57
CA ILE A 98 -9.99 -36.27 33.79
C ILE A 98 -9.10 -36.58 34.96
N VAL A 99 -8.89 -35.62 35.85
CA VAL A 99 -8.10 -35.94 37.04
C VAL A 99 -8.74 -35.44 38.32
N SER A 100 -8.50 -36.15 39.42
CA SER A 100 -8.97 -35.69 40.71
C SER A 100 -8.34 -34.34 40.99
N CYS A 101 -9.11 -33.42 41.57
CA CYS A 101 -8.54 -32.11 41.87
C CYS A 101 -7.48 -32.17 42.98
N GLU A 102 -7.81 -32.90 44.05
CA GLU A 102 -6.91 -33.06 45.20
C GLU A 102 -5.61 -33.85 45.02
N THR A 103 -5.73 -35.05 44.46
CA THR A 103 -4.55 -35.89 44.29
C THR A 103 -3.91 -35.72 42.93
N GLY A 104 -4.61 -35.02 42.05
CA GLY A 104 -4.10 -34.80 40.71
C GLY A 104 -3.92 -36.17 40.07
N ARG A 105 -4.76 -37.12 40.48
CA ARG A 105 -4.67 -38.47 39.95
C ARG A 105 -5.58 -38.64 38.77
N VAL A 106 -5.01 -39.23 37.73
CA VAL A 106 -5.69 -39.35 36.48
C VAL A 106 -6.79 -40.35 36.65
N VAL A 107 -8.01 -39.85 36.77
CA VAL A 107 -9.13 -40.73 36.92
C VAL A 107 -9.50 -41.26 35.52
N TYR A 108 -9.15 -40.52 34.46
CA TYR A 108 -9.28 -41.03 33.08
C TYR A 108 -8.31 -40.41 32.10
N VAL A 109 -7.82 -41.21 31.17
CA VAL A 109 -7.05 -40.70 30.04
C VAL A 109 -7.49 -41.42 28.75
N SER A 110 -7.90 -40.66 27.73
CA SER A 110 -8.31 -41.28 26.49
C SER A 110 -7.10 -41.90 25.81
N ASP A 111 -7.34 -42.94 25.04
CA ASP A 111 -6.29 -43.60 24.25
C ASP A 111 -5.57 -42.64 23.33
N SER A 112 -6.26 -41.58 22.92
CA SER A 112 -5.70 -40.63 21.98
C SER A 112 -4.49 -39.94 22.58
N VAL A 113 -4.26 -40.16 23.86
CA VAL A 113 -3.03 -39.75 24.50
C VAL A 113 -1.81 -40.31 23.78
N THR A 114 -1.95 -41.51 23.24
CA THR A 114 -0.85 -42.19 22.58
C THR A 114 -0.45 -41.54 21.27
N PRO A 115 -1.42 -41.34 20.36
CA PRO A 115 -0.98 -40.63 19.17
C PRO A 115 -0.49 -39.26 19.52
N VAL A 116 -1.15 -38.64 20.48
CA VAL A 116 -0.81 -37.27 20.83
C VAL A 116 0.52 -37.19 21.57
N LEU A 117 0.76 -38.03 22.58
CA LEU A 117 2.03 -37.89 23.31
C LEU A 117 3.07 -38.96 23.08
N ASN A 118 2.74 -39.97 22.27
CA ASN A 118 3.60 -41.15 22.17
C ASN A 118 3.77 -41.68 23.58
N GLN A 119 2.63 -41.92 24.22
CA GLN A 119 2.52 -42.39 25.61
C GLN A 119 1.36 -43.37 25.79
N PRO A 120 1.64 -44.57 26.34
CA PRO A 120 0.62 -45.58 26.66
C PRO A 120 -0.42 -45.04 27.64
N GLN A 121 -1.63 -45.57 27.63
CA GLN A 121 -2.62 -45.13 28.62
C GLN A 121 -2.15 -45.54 30.01
N SER A 122 -1.49 -46.70 30.10
CA SER A 122 -1.05 -47.24 31.39
C SER A 122 -0.08 -46.35 32.15
N GLU A 123 0.83 -45.74 31.41
CA GLU A 123 1.72 -44.72 31.97
C GLU A 123 0.85 -43.69 32.69
N TRP A 124 -0.32 -43.44 32.10
CA TRP A 124 -1.22 -42.37 32.49
C TRP A 124 -2.41 -42.60 33.41
N PHE A 125 -2.94 -43.80 33.54
CA PHE A 125 -4.12 -43.89 34.40
C PHE A 125 -3.67 -44.36 35.78
N GLY A 126 -2.53 -45.04 35.82
CA GLY A 126 -1.92 -45.36 37.11
C GLY A 126 -1.31 -44.14 37.74
N SER A 127 -1.34 -43.03 37.02
CA SER A 127 -0.54 -41.86 37.35
C SER A 127 -1.24 -40.69 38.03
N THR A 128 -0.40 -39.80 38.51
CA THR A 128 -0.81 -38.48 38.97
C THR A 128 -0.20 -37.50 37.99
N LEU A 129 -1.01 -36.56 37.52
CA LEU A 129 -0.60 -35.70 36.41
C LEU A 129 0.64 -34.86 36.70
N TYR A 130 0.88 -34.57 37.97
CA TYR A 130 2.09 -33.85 38.35
C TYR A 130 3.33 -34.53 37.78
N ASP A 131 3.26 -35.85 37.64
CA ASP A 131 4.31 -36.66 37.05
C ASP A 131 4.50 -36.47 35.53
N GLN A 132 3.40 -36.29 34.82
CA GLN A 132 3.42 -36.28 33.37
C GLN A 132 3.81 -34.93 32.78
N VAL A 133 3.98 -33.93 33.64
CA VAL A 133 4.44 -32.64 33.17
C VAL A 133 5.84 -32.25 33.61
N HIS A 134 6.32 -31.17 33.01
CA HIS A 134 7.59 -30.62 33.37
C HIS A 134 7.57 -30.22 34.83
N PRO A 135 8.66 -30.50 35.56
CA PRO A 135 8.67 -30.18 36.99
C PRO A 135 8.48 -28.69 37.30
N ASP A 136 9.12 -27.79 36.57
CA ASP A 136 8.87 -26.37 36.78
C ASP A 136 7.45 -25.91 36.45
N ASP A 137 6.64 -26.79 35.88
CA ASP A 137 5.24 -26.49 35.66
C ASP A 137 4.34 -26.84 36.84
N VAL A 138 4.91 -27.31 37.95
CA VAL A 138 4.04 -27.83 39.00
C VAL A 138 3.15 -26.82 39.76
N ASP A 139 3.71 -25.70 40.21
CA ASP A 139 2.96 -24.85 41.14
C ASP A 139 1.79 -24.15 40.43
N LYS A 140 2.04 -23.64 39.23
CA LYS A 140 0.99 -23.31 38.25
C LYS A 140 -0.21 -24.23 38.36
N LEU A 141 0.07 -25.52 38.26
CA LEU A 141 -0.95 -26.54 38.25
C LEU A 141 -1.68 -26.64 39.57
N ARG A 142 -0.93 -26.52 40.66
CA ARG A 142 -1.52 -26.48 41.98
C ARG A 142 -2.60 -25.40 41.95
N GLU A 143 -2.26 -24.27 41.35
CA GLU A 143 -3.20 -23.16 41.26
C GLU A 143 -4.38 -23.53 40.37
N GLN A 144 -4.11 -24.22 39.28
CA GLN A 144 -5.19 -24.60 38.40
C GLN A 144 -6.04 -25.69 39.07
N LEU A 145 -5.49 -26.33 40.09
CA LEU A 145 -6.24 -27.34 40.84
C LEU A 145 -6.61 -26.89 42.25
N SER A 179 -16.28 -24.08 38.49
CA SER A 179 -15.79 -23.10 37.53
C SER A 179 -15.10 -23.79 36.36
N ARG A 180 -14.38 -23.00 35.58
CA ARG A 180 -13.82 -23.46 34.32
C ARG A 180 -12.29 -23.26 34.33
N ARG A 181 -11.56 -24.08 33.56
CA ARG A 181 -10.09 -23.99 33.57
C ARG A 181 -9.41 -23.96 32.19
N SER A 182 -8.23 -23.34 32.13
CA SER A 182 -7.41 -23.34 30.91
C SER A 182 -5.98 -22.88 31.16
N PHE A 183 -5.02 -23.52 30.49
CA PHE A 183 -3.61 -23.18 30.69
C PHE A 183 -2.72 -23.86 29.69
N ILE A 184 -1.46 -23.43 29.61
CA ILE A 184 -0.47 -24.09 28.78
C ILE A 184 0.57 -24.84 29.63
N CYS A 185 1.11 -25.97 29.13
CA CYS A 185 2.12 -26.70 29.92
C CYS A 185 2.96 -27.77 29.19
N ARG A 186 4.20 -27.92 29.63
CA ARG A 186 5.09 -28.94 29.08
C ARG A 186 4.85 -30.32 29.67
N MET A 187 4.33 -31.22 28.84
CA MET A 187 4.08 -32.60 29.22
C MET A 187 5.10 -33.53 28.57
N ARG A 188 5.28 -34.74 29.09
CA ARG A 188 6.32 -35.64 28.57
C ARG A 188 5.84 -36.80 27.69
N CYS A 189 6.74 -37.25 26.83
CA CYS A 189 6.47 -38.27 25.80
C CYS A 189 7.10 -39.65 26.04
N PRO A 221 14.15 -37.58 28.90
CA PRO A 221 13.62 -36.30 29.41
C PRO A 221 13.27 -35.30 28.30
N HIS A 222 12.14 -35.52 27.64
CA HIS A 222 11.74 -34.68 26.51
C HIS A 222 10.28 -34.19 26.67
N PHE A 223 10.06 -32.88 26.62
CA PHE A 223 8.74 -32.28 26.89
C PHE A 223 8.14 -31.48 25.73
N VAL A 224 6.80 -31.47 25.69
CA VAL A 224 6.01 -30.79 24.67
C VAL A 224 4.97 -29.82 25.24
N VAL A 225 4.81 -28.70 24.56
CA VAL A 225 3.84 -27.67 24.90
C VAL A 225 2.39 -28.08 24.65
N VAL A 226 1.54 -27.90 25.66
CA VAL A 226 0.17 -28.37 25.58
C VAL A 226 -0.87 -27.41 26.16
N HIS A 227 -1.76 -26.91 25.31
CA HIS A 227 -2.88 -26.11 25.77
C HIS A 227 -3.98 -26.99 26.30
N CYS A 228 -4.45 -26.68 27.49
CA CYS A 228 -5.40 -27.54 28.15
C CYS A 228 -6.60 -26.74 28.52
N THR A 229 -7.75 -27.27 28.15
CA THR A 229 -8.98 -26.55 28.33
C THR A 229 -10.03 -27.46 28.93
N GLY A 230 -10.68 -26.99 29.98
CA GLY A 230 -11.65 -27.81 30.67
C GLY A 230 -12.43 -27.07 31.72
N TYR A 231 -12.86 -27.81 32.73
CA TYR A 231 -13.71 -27.29 33.78
C TYR A 231 -13.79 -28.29 34.94
N ILE A 232 -14.27 -27.82 36.07
CA ILE A 232 -14.33 -28.67 37.23
C ILE A 232 -15.69 -29.32 37.38
N LYS A 233 -15.72 -30.61 37.64
CA LYS A 233 -16.98 -31.28 37.93
C LYS A 233 -16.77 -32.31 39.03
N ALA A 234 -17.76 -32.51 39.88
CA ALA A 234 -17.69 -33.58 40.87
C ALA A 234 -18.41 -34.84 40.37
N PHE A 255 -14.47 -33.73 43.50
CA PHE A 255 -13.96 -32.73 42.56
C PHE A 255 -12.89 -33.21 41.65
N CYS A 256 -13.19 -33.12 40.36
CA CYS A 256 -12.25 -33.49 39.33
C CYS A 256 -12.24 -32.45 38.24
N LEU A 257 -11.35 -32.64 37.29
CA LEU A 257 -11.18 -31.72 36.19
C LEU A 257 -11.31 -32.48 34.88
N VAL A 258 -12.32 -32.09 34.14
CA VAL A 258 -12.47 -32.52 32.77
C VAL A 258 -11.73 -31.60 31.85
N ALA A 259 -10.80 -32.12 31.05
CA ALA A 259 -10.10 -31.23 30.12
C ALA A 259 -9.48 -31.94 28.96
N ILE A 260 -9.17 -31.16 27.96
CA ILE A 260 -8.56 -31.66 26.76
C ILE A 260 -7.17 -31.07 26.71
N GLY A 261 -6.21 -31.86 26.25
CA GLY A 261 -4.84 -31.41 26.02
C GLY A 261 -4.58 -31.35 24.52
N ARG A 262 -4.03 -30.22 24.05
CA ARG A 262 -3.92 -29.84 22.64
C ARG A 262 -2.50 -29.38 22.25
N LEU A 263 -2.06 -29.71 21.03
CA LEU A 263 -0.74 -29.32 20.57
C LEU A 263 -0.82 -28.28 19.46
N GLN A 264 -0.27 -27.10 19.73
CA GLN A 264 -0.28 -26.01 18.75
C GLN A 264 1.13 -25.62 18.34
N VAL A 265 1.36 -25.54 17.03
CA VAL A 265 2.67 -25.17 16.51
C VAL A 265 2.59 -24.81 15.04
N THR A 281 29.36 -21.14 12.13
CA THR A 281 29.46 -20.55 10.80
C THR A 281 29.38 -19.03 10.86
N GLU A 282 28.49 -18.52 11.73
CA GLU A 282 28.05 -17.13 11.70
C GLU A 282 27.23 -16.80 12.95
N PHE A 283 26.83 -15.54 13.12
CA PHE A 283 25.92 -15.22 14.24
C PHE A 283 25.02 -14.00 13.96
N ILE A 284 23.96 -13.82 14.75
CA ILE A 284 23.03 -12.71 14.52
C ILE A 284 23.08 -11.60 15.56
N SER A 285 23.06 -10.37 15.06
CA SER A 285 23.12 -9.19 15.88
C SER A 285 22.01 -8.23 15.52
N ARG A 286 21.87 -7.22 16.37
CA ARG A 286 20.84 -6.20 16.21
C ARG A 286 21.37 -4.85 16.70
N HIS A 287 21.22 -3.81 15.87
CA HIS A 287 21.82 -2.50 16.14
C HIS A 287 20.86 -1.34 16.09
N ASN A 288 21.20 -0.30 16.83
CA ASN A 288 20.55 0.98 16.64
C ASN A 288 21.13 1.62 15.38
N ILE A 289 20.44 2.64 14.87
CA ILE A 289 20.86 3.31 13.64
C ILE A 289 22.31 3.75 13.69
N GLU A 290 22.74 4.15 14.88
CA GLU A 290 24.08 4.63 15.07
C GLU A 290 25.13 3.57 14.78
N GLY A 291 24.82 2.30 15.00
CA GLY A 291 25.81 1.27 14.75
C GLY A 291 26.19 0.54 15.99
N ILE A 292 25.68 1.01 17.12
CA ILE A 292 25.93 0.38 18.41
C ILE A 292 25.33 -1.02 18.44
N PHE A 293 26.03 -1.95 19.06
CA PHE A 293 25.50 -3.27 19.37
C PHE A 293 24.45 -3.21 20.46
N THR A 294 23.21 -3.53 20.11
CA THR A 294 22.18 -3.55 21.14
C THR A 294 21.75 -4.98 21.47
N PHE A 295 21.99 -5.89 20.55
CA PHE A 295 21.67 -7.29 20.75
C PHE A 295 22.73 -8.16 20.07
N VAL A 296 23.03 -9.31 20.67
CA VAL A 296 24.01 -10.22 20.10
C VAL A 296 23.61 -11.65 20.42
N ASP A 297 23.93 -12.56 19.51
CA ASP A 297 23.62 -13.96 19.72
C ASP A 297 24.74 -14.57 20.58
N HIS A 298 24.44 -15.59 21.39
CA HIS A 298 25.44 -16.22 22.26
C HIS A 298 26.64 -16.77 21.50
N ARG A 299 26.36 -17.30 20.32
CA ARG A 299 27.33 -17.99 19.48
C ARG A 299 28.36 -16.99 18.94
N CYS A 300 28.18 -15.72 19.28
CA CYS A 300 29.20 -14.70 19.05
C CYS A 300 30.51 -15.19 19.65
N VAL A 301 30.41 -15.73 20.86
CA VAL A 301 31.58 -16.23 21.56
C VAL A 301 32.33 -17.26 20.71
N ALA A 302 31.56 -18.05 19.94
CA ALA A 302 32.15 -19.10 19.12
C ALA A 302 32.72 -18.57 17.82
N THR A 303 32.17 -17.44 17.38
CA THR A 303 32.53 -16.93 16.07
C THR A 303 33.63 -15.85 16.14
N VAL A 304 33.64 -15.04 17.19
CA VAL A 304 34.61 -13.94 17.27
C VAL A 304 35.42 -13.93 18.56
N GLY A 305 35.13 -14.88 19.44
CA GLY A 305 35.86 -14.99 20.68
C GLY A 305 35.32 -14.06 21.75
N TYR A 306 34.57 -13.05 21.36
CA TYR A 306 34.06 -12.13 22.36
C TYR A 306 32.83 -12.66 23.07
N GLN A 307 32.77 -12.39 24.37
CA GLN A 307 31.55 -12.54 25.15
C GLN A 307 30.63 -11.36 24.85
N PRO A 308 29.33 -11.64 24.68
CA PRO A 308 28.28 -10.67 24.37
C PRO A 308 28.47 -9.30 25.05
N GLN A 309 28.81 -9.33 26.34
CA GLN A 309 29.02 -8.13 27.15
C GLN A 309 30.01 -7.19 26.51
N GLU A 310 30.97 -7.77 25.81
CA GLU A 310 32.02 -6.97 25.21
C GLU A 310 31.59 -6.31 23.93
N LEU A 311 30.71 -6.97 23.19
CA LEU A 311 30.17 -6.36 21.98
C LEU A 311 29.13 -5.33 22.29
N LEU A 312 28.23 -5.72 23.16
CA LEU A 312 27.08 -4.90 23.46
C LEU A 312 27.52 -3.53 23.94
N GLY A 313 26.79 -2.50 23.50
CA GLY A 313 27.14 -1.14 23.83
C GLY A 313 28.03 -0.43 22.84
N LYS A 314 28.80 -1.19 22.08
CA LYS A 314 29.80 -0.52 21.25
C LYS A 314 29.40 -0.47 19.81
N ASN A 315 29.86 0.58 19.15
CA ASN A 315 29.54 0.74 17.76
C ASN A 315 30.31 -0.27 17.00
N ILE A 316 29.62 -0.82 16.02
CA ILE A 316 30.19 -1.86 15.21
C ILE A 316 31.44 -1.40 14.49
N VAL A 317 31.48 -0.13 14.11
CA VAL A 317 32.57 0.38 13.30
C VAL A 317 33.86 0.48 14.08
N GLU A 318 33.79 0.37 15.41
CA GLU A 318 35.01 0.34 16.18
C GLU A 318 35.73 -1.00 16.08
N PHE A 319 35.02 -2.05 15.71
CA PHE A 319 35.64 -3.36 15.58
C PHE A 319 36.06 -3.60 14.14
N CYS A 320 35.93 -2.55 13.32
CA CYS A 320 36.21 -2.62 11.90
C CYS A 320 37.61 -2.14 11.59
N HIS A 321 38.25 -2.82 10.64
CA HIS A 321 39.53 -2.35 10.16
C HIS A 321 39.34 -0.96 9.57
N PRO A 322 40.19 -0.03 9.99
CA PRO A 322 40.11 1.39 9.65
C PRO A 322 39.84 1.64 8.16
N GLU A 323 40.53 0.90 7.31
CA GLU A 323 40.35 0.97 5.88
C GLU A 323 38.90 0.76 5.46
N ASP A 324 38.29 -0.23 6.09
CA ASP A 324 36.99 -0.70 5.65
C ASP A 324 35.89 0.06 6.32
N GLN A 325 36.26 1.00 7.17
CA GLN A 325 35.28 1.65 8.00
C GLN A 325 34.29 2.50 7.26
N GLN A 326 34.75 3.31 6.31
CA GLN A 326 33.77 4.09 5.57
C GLN A 326 32.92 3.17 4.74
N LEU A 327 33.50 2.04 4.35
CA LEU A 327 32.75 1.02 3.63
C LEU A 327 31.58 0.57 4.48
N LEU A 328 31.86 0.36 5.76
CA LEU A 328 30.85 -0.08 6.70
C LEU A 328 29.79 0.99 6.91
N ARG A 329 30.26 2.19 7.17
CA ARG A 329 29.38 3.30 7.45
C ARG A 329 28.40 3.55 6.31
N ASP A 330 28.92 3.73 5.10
CA ASP A 330 28.06 4.07 4.00
C ASP A 330 27.16 2.87 3.71
N SER A 331 27.66 1.68 4.03
CA SER A 331 26.77 0.56 3.98
C SER A 331 25.58 0.82 4.89
N PHE A 332 25.84 1.30 6.09
CA PHE A 332 24.75 1.54 7.03
C PHE A 332 23.76 2.58 6.58
N GLN A 333 24.28 3.74 6.20
CA GLN A 333 23.44 4.80 5.65
C GLN A 333 22.56 4.18 4.60
N GLN A 334 23.10 3.44 3.64
CA GLN A 334 22.19 2.98 2.60
C GLN A 334 21.19 2.00 3.14
N VAL A 335 21.57 1.25 4.16
CA VAL A 335 20.62 0.33 4.78
C VAL A 335 19.41 1.10 5.31
N VAL A 336 19.65 2.26 5.91
CA VAL A 336 18.53 3.05 6.39
C VAL A 336 17.79 3.72 5.23
N LYS A 337 18.51 4.40 4.35
CA LYS A 337 17.91 4.97 3.14
C LYS A 337 17.09 3.92 2.44
N LEU A 338 17.63 2.71 2.36
CA LEU A 338 16.90 1.65 1.71
C LEU A 338 16.23 0.82 2.79
N LYS A 339 15.03 1.27 3.13
CA LYS A 339 14.25 0.72 4.20
C LYS A 339 13.83 -0.71 3.95
N GLY A 340 14.23 -1.59 4.86
CA GLY A 340 13.67 -2.92 4.91
C GLY A 340 14.43 -3.88 4.03
N GLN A 341 14.97 -3.37 2.92
CA GLN A 341 15.77 -4.18 2.01
C GLN A 341 17.14 -4.57 2.56
N VAL A 342 17.69 -5.65 2.01
CA VAL A 342 18.98 -6.18 2.43
C VAL A 342 20.15 -5.74 1.61
N LEU A 343 21.19 -5.35 2.32
CA LEU A 343 22.44 -5.08 1.68
C LEU A 343 23.48 -6.03 2.29
N SER A 344 24.41 -6.52 1.47
CA SER A 344 25.55 -7.27 2.00
C SER A 344 26.81 -6.42 1.92
N VAL A 345 27.70 -6.62 2.89
CA VAL A 345 29.03 -6.02 2.81
C VAL A 345 30.06 -6.92 3.51
N MET A 346 31.33 -6.76 3.15
CA MET A 346 32.42 -7.56 3.70
C MET A 346 33.47 -6.69 4.38
N PHE A 347 34.18 -7.26 5.35
CA PHE A 347 35.19 -6.47 6.07
C PHE A 347 35.97 -7.28 7.11
N ARG A 348 37.17 -6.83 7.44
CA ARG A 348 37.98 -7.47 8.47
C ARG A 348 37.56 -7.08 9.87
N PHE A 349 37.19 -8.08 10.65
CA PHE A 349 36.69 -7.86 11.99
C PHE A 349 37.69 -8.18 13.08
N ARG A 350 37.86 -7.24 14.00
CA ARG A 350 38.80 -7.39 15.09
C ARG A 350 38.37 -8.51 16.05
N SER A 351 39.02 -9.66 15.94
CA SER A 351 38.77 -10.83 16.80
C SER A 351 39.25 -10.57 18.22
N LYS A 352 38.69 -11.28 19.21
CA LYS A 352 39.09 -11.04 20.58
C LYS A 352 40.55 -11.32 20.72
N THR A 353 41.05 -12.19 19.85
CA THR A 353 42.47 -12.42 19.74
C THR A 353 43.12 -11.37 18.87
N ARG A 354 42.44 -10.24 18.73
CA ARG A 354 42.89 -9.16 17.85
C ARG A 354 43.30 -9.72 16.53
N GLU A 355 42.34 -10.19 15.76
CA GLU A 355 42.67 -10.72 14.47
C GLU A 355 41.67 -10.21 13.46
N TRP A 356 42.16 -9.81 12.29
CA TRP A 356 41.30 -9.29 11.24
C TRP A 356 40.61 -10.44 10.52
N LEU A 357 39.37 -10.63 10.92
CA LEU A 357 38.52 -11.71 10.44
C LEU A 357 37.62 -11.24 9.36
N TRP A 358 37.90 -11.64 8.13
CA TRP A 358 37.00 -11.30 7.06
C TRP A 358 35.61 -11.81 7.36
N MET A 359 34.65 -10.95 7.09
CA MET A 359 33.28 -11.26 7.37
C MET A 359 32.32 -10.56 6.46
N ARG A 360 31.41 -11.33 5.88
CA ARG A 360 30.28 -10.72 5.24
C ARG A 360 29.18 -10.65 6.24
N THR A 361 28.46 -9.54 6.19
CA THR A 361 27.21 -9.44 6.89
C THR A 361 26.15 -8.99 5.89
N SER A 362 24.95 -9.49 6.08
CA SER A 362 23.81 -9.05 5.28
C SER A 362 22.71 -8.58 6.21
N SER A 363 22.09 -7.46 5.89
CA SER A 363 21.21 -6.82 6.86
C SER A 363 20.18 -5.86 6.25
N PHE A 364 19.20 -5.48 7.06
CA PHE A 364 18.07 -4.66 6.64
C PHE A 364 17.49 -3.84 7.79
N THR A 365 16.94 -2.66 7.51
CA THR A 365 16.26 -1.94 8.58
C THR A 365 14.94 -2.60 8.91
N PHE A 366 14.48 -2.36 10.13
CA PHE A 366 13.27 -3.00 10.57
C PHE A 366 12.18 -2.02 10.93
N GLN A 367 11.15 -1.97 10.09
CA GLN A 367 10.01 -1.08 10.29
C GLN A 367 9.03 -1.66 11.28
N ASN A 368 8.45 -0.79 12.11
CA ASN A 368 7.29 -1.11 12.95
C ASN A 368 6.10 -1.44 12.05
N PRO A 369 5.36 -2.52 12.35
CA PRO A 369 4.23 -2.89 11.50
C PRO A 369 3.08 -1.87 11.49
N TYR A 370 2.90 -1.15 12.59
CA TYR A 370 1.86 -0.13 12.67
C TYR A 370 2.27 1.21 12.07
N SER A 371 3.32 1.78 12.65
CA SER A 371 3.89 3.07 12.26
C SER A 371 4.85 3.09 11.06
N ASP A 372 5.41 1.92 10.71
CA ASP A 372 6.44 1.75 9.64
C ASP A 372 7.69 2.58 9.90
N GLU A 373 7.93 2.93 11.14
CA GLU A 373 9.17 3.59 11.41
C GLU A 373 10.16 2.55 11.87
N ILE A 374 11.41 2.78 11.51
CA ILE A 374 12.47 1.82 11.73
C ILE A 374 13.32 2.18 12.92
N GLU A 375 13.39 1.23 13.84
CA GLU A 375 14.14 1.32 15.08
C GLU A 375 15.43 0.52 15.09
N TYR A 376 15.48 -0.66 14.45
CA TYR A 376 16.76 -1.31 14.53
C TYR A 376 17.05 -1.98 13.22
N ILE A 377 18.32 -2.30 13.08
CA ILE A 377 18.84 -2.99 11.96
C ILE A 377 19.19 -4.39 12.43
N ILE A 378 18.92 -5.42 11.62
CA ILE A 378 19.31 -6.78 12.01
C ILE A 378 20.36 -7.38 11.10
N CYS A 379 21.50 -7.75 11.68
CA CYS A 379 22.56 -8.34 10.88
C CYS A 379 22.75 -9.78 11.13
N THR A 380 23.11 -10.45 10.06
CA THR A 380 23.65 -11.78 10.16
C THR A 380 25.07 -11.69 9.66
N ASN A 381 25.99 -12.04 10.54
CA ASN A 381 27.39 -11.76 10.34
C ASN A 381 28.17 -13.06 10.21
N THR A 382 28.58 -13.34 8.97
CA THR A 382 29.04 -14.66 8.61
C THR A 382 30.51 -14.73 8.26
N ASN A 383 31.19 -15.64 8.94
CA ASN A 383 32.59 -15.88 8.74
C ASN A 383 32.85 -16.34 7.32
N VAL A 384 33.81 -15.68 6.69
CA VAL A 384 34.22 -16.00 5.33
C VAL A 384 35.68 -16.46 5.31
N ARG B 25 -53.09 -33.36 1.25
CA ARG B 25 -51.93 -34.16 0.86
C ARG B 25 -50.62 -33.40 1.01
N ARG B 26 -50.71 -32.10 0.83
CA ARG B 26 -49.69 -31.16 1.26
C ARG B 26 -49.49 -31.30 2.76
N SER B 27 -50.63 -31.47 3.43
CA SER B 27 -50.79 -31.48 4.87
C SER B 27 -49.81 -32.35 5.60
N LYS B 28 -49.83 -33.62 5.17
CA LYS B 28 -48.96 -34.69 5.61
C LYS B 28 -47.49 -34.61 5.14
N GLU B 29 -47.22 -34.18 3.90
CA GLU B 29 -45.84 -34.22 3.45
C GLU B 29 -45.16 -33.25 4.42
N THR B 30 -45.89 -32.16 4.66
CA THR B 30 -45.45 -31.16 5.62
C THR B 30 -45.26 -31.95 6.88
N GLU B 31 -46.30 -32.54 7.47
CA GLU B 31 -46.01 -33.25 8.74
C GLU B 31 -44.90 -34.33 8.68
N VAL B 32 -44.65 -34.95 7.53
CA VAL B 32 -43.54 -35.92 7.44
C VAL B 32 -42.20 -35.23 7.80
N PHE B 33 -42.11 -33.96 7.42
CA PHE B 33 -40.94 -33.15 7.86
C PHE B 33 -40.64 -33.37 9.32
N TYR B 34 -41.68 -33.52 10.15
CA TYR B 34 -41.54 -33.46 11.59
C TYR B 34 -40.85 -34.65 12.20
N GLU B 35 -41.29 -35.84 11.79
CA GLU B 35 -40.57 -37.07 12.08
C GLU B 35 -39.13 -36.96 11.59
N LEU B 36 -38.94 -36.40 10.40
CA LEU B 36 -37.57 -36.34 9.89
C LEU B 36 -36.71 -35.48 10.80
N ALA B 37 -37.20 -34.28 11.06
CA ALA B 37 -36.57 -33.27 11.89
C ALA B 37 -36.21 -33.80 13.26
N HIS B 38 -37.20 -34.42 13.90
CA HIS B 38 -37.01 -35.04 15.20
C HIS B 38 -35.83 -36.00 15.25
N GLU B 39 -35.75 -36.95 14.33
CA GLU B 39 -34.73 -37.99 14.40
C GLU B 39 -33.40 -37.57 13.71
N LEU B 40 -33.13 -36.27 13.70
CA LEU B 40 -31.76 -35.81 13.48
C LEU B 40 -31.07 -35.78 14.84
N PRO B 41 -29.71 -35.75 14.89
CA PRO B 41 -29.10 -35.81 16.22
C PRO B 41 -29.35 -34.56 17.07
N LEU B 42 -30.56 -33.98 16.94
CA LEU B 42 -30.98 -32.76 17.62
C LEU B 42 -32.20 -32.94 18.53
N PRO B 43 -32.24 -32.18 19.64
CA PRO B 43 -33.42 -32.28 20.49
C PRO B 43 -34.61 -31.71 19.76
N HIS B 44 -35.79 -32.14 20.18
CA HIS B 44 -37.00 -31.72 19.54
C HIS B 44 -37.20 -30.28 19.84
N SER B 45 -36.54 -29.77 20.87
CA SER B 45 -36.62 -28.34 21.09
C SER B 45 -36.05 -27.67 19.83
N VAL B 46 -34.94 -28.21 19.29
CA VAL B 46 -34.30 -27.66 18.08
C VAL B 46 -34.56 -28.37 16.73
N SER B 47 -35.28 -29.50 16.79
CA SER B 47 -35.64 -30.31 15.66
C SER B 47 -37.04 -29.92 15.20
N SER B 48 -37.97 -29.87 16.15
CA SER B 48 -39.35 -29.50 15.88
C SER B 48 -39.52 -28.18 15.13
N HIS B 49 -38.74 -27.18 15.55
CA HIS B 49 -38.85 -25.80 15.07
C HIS B 49 -38.21 -25.54 13.72
N LEU B 50 -38.70 -26.15 12.66
CA LEU B 50 -38.04 -25.95 11.38
C LEU B 50 -38.94 -25.74 10.16
N ASP B 51 -38.66 -24.68 9.41
CA ASP B 51 -39.13 -24.61 8.02
C ASP B 51 -38.28 -25.66 7.31
N LYS B 52 -38.78 -26.22 6.21
CA LYS B 52 -38.18 -27.44 5.65
C LYS B 52 -36.81 -27.24 5.05
N ALA B 53 -36.62 -26.11 4.41
CA ALA B 53 -35.39 -25.81 3.72
C ALA B 53 -34.23 -26.06 4.64
N SER B 54 -34.45 -25.61 5.86
CA SER B 54 -33.49 -25.81 6.91
C SER B 54 -33.25 -27.30 7.03
N ILE B 55 -34.33 -28.07 7.14
CA ILE B 55 -34.24 -29.52 7.35
C ILE B 55 -33.46 -30.21 6.24
N MET B 56 -33.56 -29.65 5.04
CA MET B 56 -32.81 -30.12 3.90
C MET B 56 -31.33 -29.98 4.17
N ARG B 57 -30.96 -28.71 4.24
CA ARG B 57 -29.60 -28.27 4.47
C ARG B 57 -28.97 -29.23 5.46
N LEU B 58 -29.70 -29.34 6.56
CA LEU B 58 -29.30 -30.07 7.74
C LEU B 58 -29.14 -31.57 7.55
N ALA B 59 -30.14 -32.19 6.92
CA ALA B 59 -30.08 -33.62 6.70
C ALA B 59 -28.83 -33.94 5.92
N ILE B 60 -28.68 -33.23 4.82
CA ILE B 60 -27.60 -33.52 3.91
C ILE B 60 -26.26 -33.30 4.58
N SER B 61 -26.08 -32.13 5.18
CA SER B 61 -24.84 -31.80 5.84
C SER B 61 -24.50 -32.88 6.87
N PHE B 62 -25.50 -33.36 7.59
CA PHE B 62 -25.30 -34.48 8.47
C PHE B 62 -24.76 -35.71 7.77
N LEU B 63 -25.31 -36.01 6.61
CA LEU B 63 -24.86 -37.20 5.89
C LEU B 63 -23.43 -37.11 5.48
N ARG B 64 -23.14 -36.05 4.74
CA ARG B 64 -21.82 -35.79 4.24
C ARG B 64 -20.84 -35.90 5.38
N THR B 65 -21.27 -35.31 6.48
CA THR B 65 -20.54 -35.34 7.73
C THR B 65 -20.14 -36.78 8.01
N HIS B 66 -21.15 -37.62 8.22
CA HIS B 66 -20.90 -39.00 8.56
C HIS B 66 -19.96 -39.67 7.56
N LYS B 67 -20.08 -39.27 6.30
CA LYS B 67 -19.26 -39.84 5.25
C LYS B 67 -17.78 -39.57 5.47
N LEU B 68 -17.40 -38.31 5.54
CA LEU B 68 -15.98 -38.05 5.67
C LEU B 68 -15.48 -38.60 7.02
N LEU B 69 -16.34 -38.68 8.03
CA LEU B 69 -15.92 -39.34 9.28
C LEU B 69 -15.45 -40.75 9.07
N SER B 70 -16.24 -41.46 8.28
CA SER B 70 -15.86 -42.79 7.87
C SER B 70 -14.49 -42.68 7.19
N SER B 71 -14.33 -41.67 6.33
CA SER B 71 -13.04 -41.43 5.66
C SER B 71 -11.88 -41.12 6.61
N VAL B 72 -12.18 -40.82 7.87
CA VAL B 72 -11.11 -40.54 8.83
C VAL B 72 -10.74 -41.69 9.75
N CYS B 73 -11.72 -42.46 10.22
CA CYS B 73 -11.38 -43.43 11.25
C CYS B 73 -10.83 -44.72 10.63
N SER B 74 -10.70 -44.71 9.31
CA SER B 74 -10.08 -45.82 8.58
C SER B 74 -8.61 -45.52 8.33
N MET B 86 -23.61 -38.73 27.07
CA MET B 86 -22.35 -39.42 27.36
C MET B 86 -21.12 -38.75 26.72
N ASP B 87 -21.32 -37.80 25.80
CA ASP B 87 -20.19 -37.12 25.16
C ASP B 87 -20.29 -35.63 25.46
N ASN B 88 -20.86 -35.35 26.60
CA ASN B 88 -21.04 -34.01 27.15
C ASN B 88 -19.72 -33.33 27.47
N LEU B 89 -18.71 -34.16 27.72
CA LEU B 89 -17.46 -33.70 28.29
C LEU B 89 -16.51 -33.11 27.29
N TYR B 90 -16.45 -33.72 26.12
CA TYR B 90 -15.72 -33.13 25.04
C TYR B 90 -16.27 -31.74 24.72
N LEU B 91 -17.59 -31.66 24.58
CA LEU B 91 -18.23 -30.39 24.26
C LEU B 91 -17.96 -29.31 25.28
N LYS B 92 -18.20 -29.60 26.54
CA LYS B 92 -17.98 -28.66 27.63
C LYS B 92 -16.50 -28.29 27.85
N ALA B 93 -15.63 -29.29 27.73
CA ALA B 93 -14.18 -29.13 27.98
C ALA B 93 -13.59 -28.18 26.98
N LEU B 94 -14.23 -28.09 25.81
CA LEU B 94 -13.84 -27.19 24.72
C LEU B 94 -13.91 -25.71 24.99
N GLU B 95 -12.97 -24.97 24.38
CA GLU B 95 -13.03 -23.54 24.39
C GLU B 95 -12.84 -23.03 22.98
N GLY B 96 -13.86 -23.31 22.19
CA GLY B 96 -13.89 -22.99 20.79
C GLY B 96 -14.83 -24.02 20.20
N PHE B 97 -15.05 -23.99 18.89
CA PHE B 97 -15.96 -24.97 18.27
C PHE B 97 -15.36 -25.51 16.99
N ILE B 98 -15.81 -26.70 16.57
CA ILE B 98 -15.33 -27.32 15.33
C ILE B 98 -16.21 -27.07 14.13
N ALA B 99 -15.55 -26.74 13.02
CA ALA B 99 -16.24 -26.48 11.78
C ALA B 99 -15.63 -27.30 10.69
N VAL B 100 -16.49 -27.83 9.83
CA VAL B 100 -16.03 -28.45 8.62
C VAL B 100 -16.61 -27.75 7.43
N VAL B 101 -15.75 -27.41 6.49
CA VAL B 101 -16.12 -26.58 5.38
C VAL B 101 -15.61 -27.16 4.10
N THR B 102 -16.43 -27.18 3.06
CA THR B 102 -15.98 -27.62 1.77
C THR B 102 -14.92 -26.67 1.25
N GLN B 103 -14.29 -27.02 0.14
CA GLN B 103 -13.42 -26.07 -0.54
C GLN B 103 -14.27 -25.00 -1.22
N ASP B 104 -15.54 -25.31 -1.50
CA ASP B 104 -16.43 -24.29 -2.04
C ASP B 104 -17.08 -23.47 -0.95
N GLY B 105 -16.57 -23.59 0.28
CA GLY B 105 -16.93 -22.67 1.34
C GLY B 105 -18.12 -23.09 2.17
N ASP B 106 -18.69 -24.24 1.85
CA ASP B 106 -19.91 -24.64 2.49
C ASP B 106 -19.63 -25.27 3.83
N MET B 107 -20.18 -24.61 4.83
CA MET B 107 -19.98 -24.98 6.20
C MET B 107 -20.86 -26.15 6.46
N ILE B 108 -20.33 -27.32 6.11
CA ILE B 108 -21.05 -28.56 6.15
C ILE B 108 -21.22 -29.07 7.57
N PHE B 109 -20.26 -28.77 8.44
CA PHE B 109 -20.46 -29.13 9.83
C PHE B 109 -20.12 -28.03 10.81
N LEU B 110 -20.87 -27.99 11.92
CA LEU B 110 -20.72 -27.01 13.00
C LEU B 110 -21.11 -27.57 14.33
N SER B 111 -20.31 -27.28 15.33
CA SER B 111 -20.52 -27.80 16.66
C SER B 111 -21.77 -27.16 17.23
N GLU B 112 -22.40 -27.82 18.18
CA GLU B 112 -23.51 -27.20 18.88
C GLU B 112 -23.04 -25.95 19.62
N ASN B 113 -22.02 -26.15 20.45
CA ASN B 113 -21.58 -25.13 21.40
C ASN B 113 -21.08 -23.88 20.70
N ILE B 114 -21.09 -23.88 19.36
CA ILE B 114 -20.80 -22.68 18.63
C ILE B 114 -21.67 -21.55 19.13
N SER B 115 -22.92 -21.85 19.45
CA SER B 115 -23.83 -20.82 19.94
C SER B 115 -23.30 -20.18 21.22
N LYS B 116 -22.68 -21.01 22.06
CA LYS B 116 -22.04 -20.55 23.29
C LYS B 116 -21.07 -19.44 22.98
N PHE B 117 -20.37 -19.56 21.86
CA PHE B 117 -19.37 -18.60 21.52
C PHE B 117 -19.90 -17.55 20.58
N MET B 118 -20.54 -18.00 19.51
CA MET B 118 -20.97 -17.07 18.48
C MET B 118 -22.37 -16.57 18.64
N GLY B 119 -23.15 -17.22 19.49
CA GLY B 119 -24.55 -16.91 19.57
C GLY B 119 -25.30 -17.61 18.45
N LEU B 120 -24.84 -17.39 17.22
CA LEU B 120 -25.39 -18.06 16.06
C LEU B 120 -25.41 -19.56 16.27
N THR B 121 -26.60 -20.14 16.22
CA THR B 121 -26.76 -21.53 16.59
C THR B 121 -26.56 -22.44 15.41
N GLN B 122 -25.86 -23.54 15.61
CA GLN B 122 -25.45 -24.42 14.51
C GLN B 122 -26.55 -24.64 13.49
N VAL B 123 -27.79 -24.70 13.92
CA VAL B 123 -28.87 -24.87 12.96
C VAL B 123 -28.95 -23.69 11.97
N GLU B 124 -28.67 -22.48 12.43
CA GLU B 124 -28.77 -21.29 11.60
C GLU B 124 -27.77 -21.27 10.45
N LEU B 125 -26.75 -22.10 10.52
CA LEU B 125 -25.60 -21.90 9.64
C LEU B 125 -25.19 -23.02 8.67
N THR B 126 -25.31 -24.26 9.11
CA THR B 126 -24.82 -25.40 8.34
C THR B 126 -25.33 -25.44 6.91
N GLY B 127 -24.42 -25.67 5.97
CA GLY B 127 -24.80 -25.73 4.59
C GLY B 127 -24.45 -24.44 3.88
N HIS B 128 -24.48 -23.34 4.63
CA HIS B 128 -24.28 -22.03 4.03
C HIS B 128 -22.79 -21.75 3.83
N SER B 129 -22.49 -20.77 2.99
CA SER B 129 -21.12 -20.41 2.66
C SER B 129 -20.48 -19.64 3.79
N ILE B 130 -19.26 -20.02 4.15
CA ILE B 130 -18.49 -19.29 5.13
C ILE B 130 -18.42 -17.78 4.92
N PHE B 131 -18.32 -17.34 3.68
CA PHE B 131 -18.06 -15.95 3.39
C PHE B 131 -19.17 -15.06 3.85
N ASP B 132 -20.37 -15.60 3.80
CA ASP B 132 -21.54 -14.84 4.21
C ASP B 132 -21.49 -14.47 5.68
N PHE B 133 -20.59 -15.10 6.43
CA PHE B 133 -20.58 -14.88 7.86
C PHE B 133 -19.25 -14.45 8.35
N THR B 134 -18.34 -14.29 7.41
CA THR B 134 -17.04 -13.88 7.81
C THR B 134 -16.87 -12.51 7.27
N HIS B 135 -16.07 -11.76 7.99
CA HIS B 135 -15.60 -10.48 7.53
C HIS B 135 -14.95 -10.70 6.19
N PRO B 136 -15.46 -10.01 5.17
CA PRO B 136 -15.00 -10.16 3.79
C PRO B 136 -13.53 -9.88 3.49
N CYS B 137 -12.93 -8.89 4.15
CA CYS B 137 -11.52 -8.61 3.88
C CYS B 137 -10.68 -9.85 4.21
N ASP B 138 -11.07 -10.52 5.29
CA ASP B 138 -10.39 -11.72 5.76
C ASP B 138 -10.67 -12.96 4.90
N HIS B 139 -11.58 -12.82 3.95
CA HIS B 139 -11.99 -13.90 3.04
C HIS B 139 -10.90 -14.48 2.12
N GLU B 140 -10.02 -13.64 1.58
CA GLU B 140 -8.98 -14.15 0.68
C GLU B 140 -8.11 -15.15 1.44
N GLU B 141 -7.81 -14.80 2.68
CA GLU B 141 -7.07 -15.65 3.59
C GLU B 141 -7.77 -16.97 3.78
N ILE B 142 -9.07 -16.81 3.97
CA ILE B 142 -9.97 -17.90 4.10
C ILE B 142 -9.82 -18.77 2.86
N ARG B 143 -9.94 -18.14 1.71
CA ARG B 143 -9.90 -18.84 0.44
C ARG B 143 -8.64 -19.64 0.29
N GLU B 144 -7.52 -19.05 0.71
CA GLU B 144 -6.23 -19.73 0.61
C GLU B 144 -6.14 -20.92 1.54
N ASN B 145 -6.55 -20.74 2.79
CA ASN B 145 -6.43 -21.83 3.73
C ASN B 145 -7.36 -22.97 3.37
N LEU B 146 -8.37 -22.69 2.56
CA LEU B 146 -9.28 -23.74 2.12
C LEU B 146 -8.66 -24.71 1.16
N THR B 147 -7.61 -24.24 0.48
CA THR B 147 -7.11 -24.89 -0.71
C THR B 147 -5.73 -25.53 -0.59
N LEU B 148 -5.47 -26.47 -1.50
CA LEU B 148 -4.16 -27.08 -1.73
C LEU B 148 -3.66 -27.82 -0.50
N SER B 162 2.24 -29.33 2.75
CA SER B 162 1.73 -29.20 4.10
C SER B 162 0.23 -28.96 4.13
N THR B 163 -0.49 -29.88 4.74
CA THR B 163 -1.93 -29.78 4.80
C THR B 163 -2.35 -29.00 6.04
N GLU B 164 -1.36 -28.53 6.79
CA GLU B 164 -1.59 -27.86 8.07
C GLU B 164 -2.06 -26.40 7.95
N ARG B 165 -3.02 -26.00 8.80
CA ARG B 165 -3.57 -24.64 8.76
C ARG B 165 -3.75 -23.97 10.15
N ASP B 166 -3.32 -22.71 10.25
CA ASP B 166 -3.45 -21.92 11.48
C ASP B 166 -3.54 -20.45 11.12
N PHE B 167 -4.68 -19.85 11.43
CA PHE B 167 -4.94 -18.46 11.09
C PHE B 167 -6.08 -17.89 11.92
N PHE B 168 -6.29 -16.58 11.83
CA PHE B 168 -7.36 -15.93 12.58
C PHE B 168 -8.44 -15.37 11.65
N MET B 169 -9.71 -15.56 11.99
CA MET B 169 -10.76 -14.95 11.18
C MET B 169 -11.79 -14.17 12.00
N ARG B 170 -12.30 -13.08 11.44
CA ARG B 170 -13.40 -12.39 12.08
C ARG B 170 -14.74 -12.95 11.61
N MET B 171 -15.56 -13.35 12.56
CA MET B 171 -16.86 -13.93 12.26
C MET B 171 -18.01 -13.27 13.00
N LYS B 172 -19.21 -13.31 12.44
CA LYS B 172 -20.33 -12.67 13.09
C LYS B 172 -20.67 -13.30 14.43
N CYS B 173 -20.88 -12.40 15.38
CA CYS B 173 -21.20 -12.66 16.77
C CYS B 173 -22.44 -11.86 17.17
N THR B 174 -23.32 -12.50 17.94
CA THR B 174 -24.55 -11.83 18.39
C THR B 174 -24.82 -12.12 19.87
N VAL B 175 -23.79 -12.06 20.70
CA VAL B 175 -23.99 -12.30 22.14
C VAL B 175 -23.58 -11.10 22.99
N THR B 181 -27.54 -11.22 24.57
CA THR B 181 -27.51 -11.63 23.16
C THR B 181 -28.50 -10.80 22.34
N VAL B 182 -28.24 -10.75 21.03
CA VAL B 182 -28.96 -9.84 20.13
C VAL B 182 -29.28 -10.51 18.80
N ASN B 183 -29.87 -9.76 17.88
CA ASN B 183 -30.06 -10.26 16.53
C ASN B 183 -28.95 -9.89 15.57
N LEU B 184 -29.00 -10.53 14.41
CA LEU B 184 -27.90 -10.56 13.48
C LEU B 184 -27.67 -9.24 12.78
N LYS B 185 -28.70 -8.44 12.62
CA LYS B 185 -28.52 -7.12 12.01
C LYS B 185 -27.45 -6.39 12.79
N SER B 186 -27.64 -6.46 14.10
CA SER B 186 -26.73 -5.87 15.06
C SER B 186 -25.64 -6.87 15.46
N ALA B 187 -25.03 -7.52 14.49
CA ALA B 187 -24.07 -8.57 14.81
C ALA B 187 -22.66 -8.02 14.68
N THR B 188 -21.96 -7.97 15.79
CA THR B 188 -20.60 -7.47 15.75
C THR B 188 -19.63 -8.57 15.42
N TRP B 189 -18.46 -8.20 14.92
CA TRP B 189 -17.43 -9.17 14.57
C TRP B 189 -16.65 -9.74 15.76
N LYS B 190 -16.28 -11.02 15.65
CA LYS B 190 -15.53 -11.75 16.68
C LYS B 190 -14.39 -12.60 16.10
N VAL B 191 -13.19 -12.44 16.64
CA VAL B 191 -12.02 -13.13 16.11
C VAL B 191 -11.91 -14.56 16.64
N LEU B 192 -11.65 -15.48 15.72
CA LEU B 192 -11.48 -16.90 16.00
C LEU B 192 -10.11 -17.35 15.58
N HIS B 193 -9.35 -17.90 16.51
CA HIS B 193 -8.11 -18.53 16.15
C HIS B 193 -8.46 -19.90 15.62
N CYS B 194 -8.09 -20.18 14.40
CA CYS B 194 -8.52 -21.37 13.75
C CYS B 194 -7.33 -22.23 13.47
N THR B 195 -7.46 -23.47 13.84
CA THR B 195 -6.35 -24.38 13.82
C THR B 195 -6.91 -25.69 13.36
N GLY B 196 -6.45 -26.17 12.22
CA GLY B 196 -6.83 -27.52 11.82
C GLY B 196 -6.19 -28.04 10.53
N GLN B 197 -6.85 -29.02 9.92
CA GLN B 197 -6.27 -29.77 8.81
C GLN B 197 -7.14 -29.78 7.57
N VAL B 198 -6.53 -29.67 6.39
CA VAL B 198 -7.26 -29.77 5.13
C VAL B 198 -7.06 -31.18 4.56
N ARG B 199 -8.13 -31.73 3.98
CA ARG B 199 -8.28 -33.17 3.78
C ARG B 199 -9.12 -33.45 2.54
N VAL B 200 -9.24 -34.71 2.16
CA VAL B 200 -10.08 -35.08 1.03
C VAL B 200 -11.17 -36.09 1.36
N SER B 219 -11.70 -31.60 -1.65
CA SER B 219 -11.04 -30.72 -0.70
C SER B 219 -11.99 -30.31 0.39
N CYS B 220 -11.49 -30.31 1.61
CA CYS B 220 -12.33 -30.08 2.75
C CYS B 220 -11.50 -29.61 3.91
N LEU B 221 -11.98 -28.56 4.57
CA LEU B 221 -11.24 -28.00 5.68
C LEU B 221 -11.89 -28.29 7.01
N ILE B 222 -11.11 -28.89 7.90
CA ILE B 222 -11.56 -29.21 9.24
C ILE B 222 -10.84 -28.43 10.32
N ILE B 223 -11.54 -27.65 11.14
CA ILE B 223 -10.82 -26.86 12.14
C ILE B 223 -11.48 -26.68 13.48
N MET B 224 -10.67 -26.15 14.40
CA MET B 224 -11.14 -25.63 15.66
C MET B 224 -10.96 -24.13 15.72
N CYS B 225 -11.98 -23.47 16.27
CA CYS B 225 -12.05 -22.03 16.27
C CYS B 225 -12.19 -21.62 17.70
N GLU B 226 -11.07 -21.18 18.25
CA GLU B 226 -10.99 -20.80 19.62
C GLU B 226 -11.07 -19.28 19.68
N PRO B 227 -12.14 -18.75 20.29
CA PRO B 227 -12.15 -17.32 20.57
C PRO B 227 -11.04 -17.08 21.56
N ILE B 228 -10.45 -15.90 21.51
CA ILE B 228 -9.24 -15.62 22.25
C ILE B 228 -9.52 -15.18 23.71
N GLN B 229 -10.75 -14.70 23.99
CA GLN B 229 -11.15 -14.01 25.24
C GLN B 229 -10.63 -12.61 25.34
N HIS B 230 -11.46 -11.83 26.02
CA HIS B 230 -11.21 -10.44 26.28
C HIS B 230 -10.77 -10.22 27.74
N PRO B 231 -9.64 -9.54 27.93
CA PRO B 231 -9.04 -9.38 29.27
C PRO B 231 -9.97 -8.71 30.32
N SER B 232 -10.75 -7.69 29.93
CA SER B 232 -11.81 -7.15 30.79
C SER B 232 -12.74 -8.21 31.36
N HIS B 233 -13.20 -9.10 30.49
CA HIS B 233 -14.31 -10.01 30.78
C HIS B 233 -13.84 -11.46 30.96
N MET B 234 -13.10 -11.73 32.04
CA MET B 234 -12.57 -13.08 32.30
C MET B 234 -13.63 -14.15 32.47
N ASP B 235 -13.38 -15.32 31.90
CA ASP B 235 -14.20 -16.48 32.17
C ASP B 235 -13.38 -17.52 32.93
N ILE B 236 -12.09 -17.26 33.08
CA ILE B 236 -11.20 -18.26 33.65
C ILE B 236 -10.14 -17.73 34.61
N PRO B 237 -9.72 -18.57 35.55
CA PRO B 237 -8.82 -18.12 36.62
C PRO B 237 -7.39 -18.05 36.11
N LEU B 238 -6.62 -17.12 36.66
CA LEU B 238 -5.18 -17.04 36.37
C LEU B 238 -4.36 -17.65 37.48
N ASP B 239 -3.11 -17.98 37.15
CA ASP B 239 -2.19 -18.57 38.10
C ASP B 239 -0.99 -17.65 38.29
N SER B 240 -0.16 -17.94 39.27
CA SER B 240 1.00 -17.11 39.58
C SER B 240 1.93 -16.93 38.40
N LYS B 241 2.00 -17.93 37.54
CA LYS B 241 2.87 -17.87 36.37
C LYS B 241 2.18 -17.19 35.19
N THR B 242 1.27 -16.26 35.47
CA THR B 242 0.65 -15.46 34.43
C THR B 242 0.66 -13.99 34.79
N PHE B 243 1.17 -13.13 33.93
CA PHE B 243 1.12 -11.72 34.27
C PHE B 243 0.50 -10.91 33.14
N LEU B 244 0.26 -9.64 33.43
CA LEU B 244 -0.60 -8.87 32.58
C LEU B 244 0.09 -7.59 32.21
N SER B 245 -0.10 -7.15 30.97
CA SER B 245 0.58 -5.94 30.54
C SER B 245 -0.25 -5.11 29.58
N ARG B 246 0.00 -3.81 29.60
CA ARG B 246 -0.70 -2.89 28.74
C ARG B 246 0.32 -2.19 27.85
N HIS B 247 -0.01 -2.02 26.58
CA HIS B 247 0.93 -1.39 25.67
C HIS B 247 0.29 -0.41 24.69
N SER B 248 1.09 0.57 24.28
CA SER B 248 0.68 1.56 23.33
C SER B 248 0.63 0.82 22.01
N MET B 249 0.08 1.43 20.97
CA MET B 249 0.01 0.76 19.69
C MET B 249 1.44 0.41 19.30
N ASP B 250 2.36 1.30 19.62
CA ASP B 250 3.76 1.08 19.34
C ASP B 250 4.28 -0.21 19.94
N MET B 251 3.48 -0.80 20.82
CA MET B 251 3.89 -1.99 21.54
C MET B 251 4.72 -1.55 22.74
N LYS B 252 4.84 -0.24 22.94
CA LYS B 252 5.59 0.27 24.06
C LYS B 252 4.79 0.01 25.29
N PHE B 253 5.48 -0.30 26.36
CA PHE B 253 4.78 -0.60 27.58
C PHE B 253 4.14 0.67 28.06
N THR B 254 3.01 0.51 28.70
CA THR B 254 2.36 1.61 29.35
C THR B 254 2.04 1.08 30.71
N TYR B 255 1.76 -0.21 30.74
CA TYR B 255 1.57 -0.87 32.00
C TYR B 255 2.08 -2.31 32.08
N CYS B 256 2.44 -2.71 33.29
CA CYS B 256 2.72 -4.10 33.58
C CYS B 256 2.47 -4.43 35.03
N ASP B 257 1.89 -5.59 35.27
CA ASP B 257 1.64 -6.00 36.63
C ASP B 257 3.00 -6.39 37.16
N ASP B 258 3.12 -6.56 38.47
CA ASP B 258 4.44 -6.77 39.04
C ASP B 258 4.63 -8.24 39.37
N ARG B 259 3.78 -9.05 38.78
CA ARG B 259 4.13 -10.44 38.67
C ARG B 259 5.28 -10.45 37.72
N ILE B 260 5.39 -9.41 36.90
CA ILE B 260 6.46 -9.31 35.94
C ILE B 260 7.78 -9.51 36.68
N LEU B 261 7.87 -8.93 37.87
CA LEU B 261 9.05 -9.03 38.70
C LEU B 261 9.27 -10.44 39.18
N GLU B 262 8.28 -10.92 39.91
CA GLU B 262 8.24 -12.30 40.38
C GLU B 262 8.69 -13.29 39.31
N LEU B 263 8.33 -12.98 38.07
CA LEU B 263 8.42 -13.94 36.99
C LEU B 263 9.67 -13.83 36.11
N ILE B 264 10.16 -12.63 35.82
CA ILE B 264 11.34 -12.51 34.95
C ILE B 264 12.34 -11.50 35.48
N GLY B 265 11.90 -10.72 36.44
CA GLY B 265 12.84 -9.88 37.15
C GLY B 265 12.69 -8.42 36.89
N TYR B 266 12.10 -8.03 35.77
CA TYR B 266 12.02 -6.61 35.50
C TYR B 266 10.97 -5.96 36.43
N HIS B 267 11.29 -4.77 36.92
CA HIS B 267 10.35 -3.95 37.67
C HIS B 267 9.65 -3.02 36.68
N PRO B 268 8.31 -3.00 36.70
CA PRO B 268 7.57 -2.26 35.66
C PRO B 268 8.01 -0.81 35.48
N GLU B 269 8.36 -0.10 36.55
CA GLU B 269 8.83 1.27 36.43
C GLU B 269 9.98 1.38 35.43
N GLU B 270 10.76 0.31 35.30
CA GLU B 270 11.89 0.29 34.38
C GLU B 270 11.42 0.22 32.93
N LEU B 271 10.49 -0.68 32.66
CA LEU B 271 10.00 -0.98 31.31
C LEU B 271 8.89 -0.10 30.72
N LEU B 272 8.51 0.93 31.44
CA LEU B 272 7.44 1.82 31.01
C LEU B 272 7.67 2.55 29.69
N GLY B 273 8.90 2.99 29.43
CA GLY B 273 9.16 3.75 28.23
C GLY B 273 9.53 2.94 27.00
N ARG B 274 9.33 1.64 27.06
CA ARG B 274 10.08 0.77 26.17
C ARG B 274 9.20 -0.02 25.22
N SER B 275 9.65 -0.15 23.99
CA SER B 275 8.95 -0.99 23.04
C SER B 275 9.23 -2.43 23.39
N ALA B 276 8.22 -3.28 23.21
CA ALA B 276 8.34 -4.68 23.54
C ALA B 276 9.47 -5.33 22.73
N TYR B 277 9.74 -4.79 21.55
CA TYR B 277 10.64 -5.40 20.59
C TYR B 277 12.06 -5.59 21.10
N GLU B 278 12.44 -4.75 22.05
CA GLU B 278 13.75 -4.80 22.69
C GLU B 278 14.00 -6.06 23.52
N PHE B 279 12.92 -6.77 23.86
CA PHE B 279 13.03 -7.95 24.73
C PHE B 279 12.89 -9.32 24.09
N TYR B 280 12.65 -9.35 22.79
CA TYR B 280 12.53 -10.60 22.06
C TYR B 280 13.86 -11.18 21.82
N HIS B 281 13.91 -12.48 21.91
CA HIS B 281 14.99 -13.11 21.25
C HIS B 281 14.64 -13.09 19.76
N ALA B 282 15.64 -12.73 18.96
CA ALA B 282 15.58 -12.47 17.51
C ALA B 282 14.91 -13.52 16.63
N LEU B 283 15.28 -14.78 16.80
CA LEU B 283 14.65 -15.85 16.05
C LEU B 283 13.13 -15.68 16.07
N ASP B 284 12.61 -15.13 17.17
CA ASP B 284 11.17 -14.97 17.35
C ASP B 284 10.58 -13.84 16.53
N SER B 285 11.37 -12.78 16.39
CA SER B 285 10.92 -11.52 15.83
C SER B 285 9.94 -11.66 14.67
N GLU B 286 10.40 -12.27 13.59
CA GLU B 286 9.56 -12.48 12.44
C GLU B 286 8.21 -13.11 12.77
N ASN B 287 8.25 -14.23 13.46
CA ASN B 287 7.03 -14.94 13.85
C ASN B 287 6.00 -14.04 14.51
N MET B 288 6.54 -13.15 15.31
CA MET B 288 5.81 -12.13 16.05
C MET B 288 5.27 -10.96 15.21
N THR B 289 6.05 -10.55 14.21
CA THR B 289 5.68 -9.35 13.42
C THR B 289 4.29 -9.57 12.85
N LYS B 290 4.10 -10.72 12.22
CA LYS B 290 2.82 -11.07 11.63
C LYS B 290 1.75 -10.97 12.70
N SER B 291 2.09 -11.40 13.92
CA SER B 291 1.16 -11.39 15.04
C SER B 291 0.72 -9.96 15.31
N HIS B 292 1.69 -9.06 15.41
CA HIS B 292 1.38 -7.67 15.66
C HIS B 292 0.47 -7.18 14.55
N GLN B 293 0.79 -7.55 13.31
CA GLN B 293 0.00 -7.13 12.17
C GLN B 293 -1.42 -7.65 12.30
N ASN B 294 -1.54 -8.92 12.68
CA ASN B 294 -2.84 -9.53 12.83
C ASN B 294 -3.58 -8.97 13.99
N LEU B 295 -2.82 -8.54 14.98
CA LEU B 295 -3.42 -7.98 16.14
C LEU B 295 -4.11 -6.71 15.72
N CYS B 296 -3.60 -6.04 14.68
CA CYS B 296 -4.11 -4.73 14.36
C CYS B 296 -5.17 -4.77 13.27
N THR B 297 -5.03 -5.70 12.35
CA THR B 297 -6.02 -5.83 11.31
C THR B 297 -7.28 -6.48 11.86
N LYS B 298 -7.13 -7.44 12.76
CA LYS B 298 -8.31 -8.09 13.35
C LYS B 298 -8.67 -7.59 14.73
N GLY B 299 -7.72 -7.02 15.45
CA GLY B 299 -7.99 -6.57 16.80
C GLY B 299 -7.65 -7.56 17.91
N GLN B 300 -7.28 -8.79 17.56
CA GLN B 300 -6.87 -9.74 18.58
C GLN B 300 -5.86 -10.73 18.03
N VAL B 301 -5.08 -11.35 18.92
CA VAL B 301 -4.13 -12.40 18.53
C VAL B 301 -3.76 -13.33 19.67
N VAL B 302 -3.34 -14.54 19.30
CA VAL B 302 -2.53 -15.38 20.17
C VAL B 302 -1.15 -15.53 19.51
N SER B 303 -0.10 -15.23 20.26
CA SER B 303 1.24 -15.33 19.71
C SER B 303 1.68 -16.78 19.63
N GLY B 304 2.54 -17.08 18.67
CA GLY B 304 3.29 -18.31 18.75
C GLY B 304 4.12 -18.17 20.01
N GLN B 305 4.69 -19.27 20.45
CA GLN B 305 5.57 -19.24 21.60
C GLN B 305 6.87 -18.52 21.22
N TYR B 306 7.36 -17.68 22.11
CA TYR B 306 8.54 -16.86 21.83
C TYR B 306 9.34 -16.60 23.07
N ARG B 307 10.62 -16.28 22.92
CA ARG B 307 11.48 -16.01 24.08
C ARG B 307 11.47 -14.53 24.39
N MET B 308 11.28 -14.20 25.67
CA MET B 308 11.57 -12.85 26.14
C MET B 308 12.80 -12.83 27.06
N LEU B 309 13.67 -11.85 26.82
CA LEU B 309 14.90 -11.69 27.57
C LEU B 309 14.59 -11.35 29.04
N ALA B 310 15.14 -12.12 29.97
CA ALA B 310 14.90 -11.89 31.38
C ALA B 310 15.78 -10.74 31.80
N LYS B 311 15.63 -10.22 33.01
CA LYS B 311 16.39 -9.00 33.29
C LYS B 311 17.85 -9.33 33.51
N HIS B 312 18.11 -10.45 34.17
CA HIS B 312 19.45 -10.98 34.14
C HIS B 312 19.47 -11.85 32.89
N GLY B 313 20.64 -12.38 32.56
CA GLY B 313 20.82 -13.18 31.36
C GLY B 313 19.79 -14.27 31.17
N GLY B 314 19.74 -14.79 29.95
CA GLY B 314 18.83 -15.85 29.61
C GLY B 314 17.47 -15.25 29.38
N TYR B 315 16.52 -16.13 29.12
CA TYR B 315 15.19 -15.72 28.76
C TYR B 315 14.18 -16.71 29.23
N VAL B 316 12.91 -16.34 29.11
CA VAL B 316 11.80 -17.23 29.47
C VAL B 316 10.80 -17.33 28.32
N TRP B 317 10.37 -18.55 28.00
CA TRP B 317 9.40 -18.75 26.97
C TRP B 317 8.05 -18.17 27.32
N LEU B 318 7.31 -17.77 26.29
CA LEU B 318 6.11 -16.98 26.46
C LEU B 318 5.07 -17.15 25.37
N GLU B 319 3.81 -17.02 25.76
CA GLU B 319 2.72 -16.81 24.80
C GLU B 319 1.71 -15.79 25.30
N THR B 320 1.31 -14.91 24.41
CA THR B 320 0.50 -13.77 24.79
C THR B 320 -0.80 -13.69 24.01
N GLN B 321 -1.86 -13.30 24.70
CA GLN B 321 -3.11 -12.95 24.03
C GLN B 321 -3.26 -11.44 23.93
N GLY B 322 -3.00 -10.91 22.74
CA GLY B 322 -3.07 -9.49 22.55
C GLY B 322 -4.49 -9.13 22.19
N THR B 323 -4.96 -8.02 22.76
CA THR B 323 -6.33 -7.61 22.59
C THR B 323 -6.43 -6.09 22.60
N VAL B 324 -6.90 -5.52 21.49
CA VAL B 324 -7.08 -4.08 21.34
C VAL B 324 -8.31 -3.52 22.04
N ILE B 325 -8.11 -2.62 22.99
CA ILE B 325 -9.22 -2.04 23.70
C ILE B 325 -9.57 -0.65 23.16
N TYR B 326 -10.86 -0.39 23.02
CA TYR B 326 -11.30 0.90 22.50
C TYR B 326 -11.89 1.79 23.52
N ASN B 327 -11.76 3.08 23.23
CA ASN B 327 -12.36 4.08 24.05
C ASN B 327 -13.83 4.02 23.74
N PRO B 328 -14.65 3.73 24.75
CA PRO B 328 -16.09 3.47 24.60
C PRO B 328 -16.88 4.68 24.12
N ARG B 329 -16.57 5.84 24.67
CA ARG B 329 -17.20 7.08 24.25
C ARG B 329 -16.63 7.53 22.92
N ASN B 330 -15.42 7.08 22.67
CA ASN B 330 -14.61 7.61 21.60
C ASN B 330 -14.53 6.66 20.39
N LEU B 331 -14.67 5.36 20.65
CA LEU B 331 -14.52 4.32 19.63
C LEU B 331 -13.19 4.39 18.98
N GLN B 332 -12.30 5.13 19.62
CA GLN B 332 -10.95 5.17 19.18
C GLN B 332 -10.23 4.17 20.00
N PRO B 333 -9.21 3.57 19.41
CA PRO B 333 -8.45 2.53 20.09
C PRO B 333 -7.58 3.19 21.11
N GLN B 334 -7.26 2.47 22.16
CA GLN B 334 -6.54 3.07 23.24
C GLN B 334 -5.24 2.35 23.49
N CYS B 335 -5.31 1.03 23.61
CA CYS B 335 -4.10 0.26 23.85
C CYS B 335 -4.29 -1.25 23.65
N ILE B 336 -3.19 -1.98 23.75
CA ILE B 336 -3.26 -3.43 23.74
C ILE B 336 -3.23 -3.99 25.13
N MET B 337 -4.13 -4.92 25.41
CA MET B 337 -4.06 -5.61 26.68
C MET B 337 -3.55 -7.01 26.47
N CYS B 338 -2.47 -7.32 27.16
CA CYS B 338 -1.78 -8.55 26.94
C CYS B 338 -1.92 -9.44 28.11
N VAL B 339 -2.50 -10.58 27.83
CA VAL B 339 -2.48 -11.65 28.77
C VAL B 339 -1.23 -12.42 28.45
N ASN B 340 -0.28 -12.43 29.37
CA ASN B 340 0.97 -13.10 29.13
C ASN B 340 1.14 -14.36 29.94
N TYR B 341 1.40 -15.44 29.23
CA TYR B 341 1.62 -16.75 29.84
C TYR B 341 3.08 -17.20 29.85
N VAL B 342 3.69 -17.26 31.03
CA VAL B 342 5.08 -17.70 31.16
C VAL B 342 5.20 -19.21 31.11
N LEU B 343 5.95 -19.71 30.16
CA LEU B 343 5.91 -21.13 29.98
C LEU B 343 7.09 -21.77 30.65
N SER B 344 8.07 -20.97 31.06
CA SER B 344 9.29 -21.56 31.57
C SER B 344 9.95 -20.78 32.67
N GLU B 345 11.00 -21.37 33.20
CA GLU B 345 11.93 -20.65 34.05
C GLU B 345 13.00 -20.08 33.12
N ILE B 346 13.86 -19.20 33.64
CA ILE B 346 14.93 -18.61 32.83
C ILE B 346 15.87 -19.71 32.39
N GLU B 347 16.13 -19.76 31.10
CA GLU B 347 16.81 -20.90 30.54
C GLU B 347 18.32 -20.68 30.47
N LYS B 348 18.75 -19.54 29.99
CA LYS B 348 20.18 -19.36 29.90
C LYS B 348 20.70 -18.24 30.75
N ASN B 349 20.47 -18.35 32.06
CA ASN B 349 21.04 -17.46 33.07
C ASN B 349 22.49 -17.19 32.73
N ASP B 350 23.15 -18.24 32.26
CA ASP B 350 24.49 -18.18 31.80
C ASP B 350 24.72 -17.16 30.69
N VAL B 351 23.82 -17.08 29.73
CA VAL B 351 24.04 -16.18 28.59
C VAL B 351 23.39 -14.81 28.71
N VAL B 352 24.20 -13.77 28.50
CA VAL B 352 23.69 -12.40 28.44
C VAL B 352 23.53 -12.01 26.97
N PHE B 353 22.32 -11.60 26.58
CA PHE B 353 22.00 -11.38 25.17
C PHE B 353 21.91 -9.90 24.73
N SER B 354 21.40 -9.06 25.61
CA SER B 354 21.12 -7.69 25.23
C SER B 354 21.73 -6.74 26.25
N MET B 355 21.87 -5.48 25.87
CA MET B 355 22.57 -4.49 26.69
C MET B 355 21.91 -4.19 28.06
N ASP B 356 20.63 -4.51 28.19
CA ASP B 356 19.88 -4.24 29.41
C ASP B 356 20.24 -5.19 30.58
N GLN B 357 20.57 -6.44 30.25
CA GLN B 357 20.93 -7.45 31.23
C GLN B 357 22.35 -7.24 31.81
N THR B 358 23.16 -6.50 31.06
CA THR B 358 24.56 -6.19 31.36
C THR B 358 24.92 -5.23 32.51
N GLU B 359 23.96 -4.47 33.04
CA GLU B 359 24.29 -3.51 34.11
C GLU B 359 24.92 -4.21 35.31
N SER B 360 25.94 -3.58 35.89
CA SER B 360 26.65 -4.18 37.01
C SER B 360 27.39 -5.44 36.59
N GLU C 18 42.08 18.55 0.13
CA GLU C 18 42.09 18.12 1.52
C GLU C 18 41.94 19.36 2.42
N ARG C 19 41.97 20.54 1.81
CA ARG C 19 42.08 21.76 2.60
C ARG C 19 40.99 22.76 2.29
N ARG C 20 40.05 22.36 1.45
CA ARG C 20 38.99 23.27 1.06
C ARG C 20 37.73 22.93 1.85
N ARG C 21 37.79 21.82 2.55
CA ARG C 21 36.78 21.44 3.52
C ARG C 21 36.55 22.49 4.59
N ARG C 22 37.64 22.99 5.15
CA ARG C 22 37.55 23.88 6.28
C ARG C 22 36.91 25.20 5.89
N ASN C 23 37.38 25.78 4.80
CA ASN C 23 36.96 27.12 4.39
C ASN C 23 35.48 27.18 4.05
N LYS C 24 34.98 26.08 3.51
CA LYS C 24 33.60 26.11 3.09
C LYS C 24 32.70 25.54 4.16
N MET C 25 33.32 24.89 5.14
CA MET C 25 32.64 24.61 6.40
C MET C 25 32.36 25.89 7.13
N THR C 26 33.31 26.79 7.05
CA THR C 26 33.10 28.06 7.69
C THR C 26 32.23 28.95 6.82
N ALA C 27 32.20 28.73 5.51
CA ALA C 27 31.20 29.40 4.70
C ALA C 27 29.83 29.00 5.23
N TYR C 28 29.68 27.70 5.43
CA TYR C 28 28.48 27.19 6.06
C TYR C 28 28.14 27.94 7.32
N ILE C 29 29.06 27.90 8.26
CA ILE C 29 28.76 28.40 9.59
C ILE C 29 28.49 29.90 9.58
N THR C 30 29.13 30.63 8.68
CA THR C 30 28.89 32.05 8.50
C THR C 30 27.44 32.33 8.12
N GLU C 31 27.04 31.75 7.00
CA GLU C 31 25.76 32.14 6.42
C GLU C 31 24.60 31.60 7.26
N LEU C 32 24.84 30.43 7.85
CA LEU C 32 23.98 29.96 8.90
C LEU C 32 23.81 30.96 10.03
N SER C 33 24.93 31.34 10.65
CA SER C 33 24.92 32.29 11.74
C SER C 33 24.01 33.50 11.49
N ASP C 34 24.17 34.17 10.35
CA ASP C 34 23.41 35.40 10.14
C ASP C 34 22.01 35.03 9.63
N MET C 35 21.74 33.74 9.39
CA MET C 35 20.34 33.40 9.25
C MET C 35 19.62 33.42 10.59
N VAL C 36 20.39 33.43 11.68
CA VAL C 36 19.86 33.56 13.02
C VAL C 36 19.85 35.01 13.52
N PRO C 37 18.65 35.59 13.71
CA PRO C 37 18.52 37.02 14.00
C PRO C 37 19.06 37.41 15.37
N THR C 38 18.77 36.60 16.38
CA THR C 38 19.17 36.91 17.76
C THR C 38 20.65 36.62 17.93
N CYS C 39 21.23 36.01 16.92
CA CYS C 39 22.68 35.85 16.86
C CYS C 39 23.31 36.99 16.07
N SER C 40 22.82 37.19 14.86
CA SER C 40 23.36 38.22 13.98
C SER C 40 23.35 39.58 14.67
N ALA C 41 22.44 39.72 15.62
CA ALA C 41 22.32 40.94 16.42
C ALA C 41 23.34 40.92 17.55
N LEU C 42 24.63 40.76 17.23
CA LEU C 42 25.71 40.81 18.26
C LEU C 42 26.97 41.65 17.90
N ALA C 43 27.60 42.33 18.88
CA ALA C 43 28.81 43.15 18.61
C ALA C 43 29.98 42.30 18.12
N ARG C 44 30.24 41.21 18.85
CA ARG C 44 31.12 40.16 18.47
C ARG C 44 30.27 39.00 18.04
N LYS C 45 31.00 37.96 17.64
CA LYS C 45 30.43 36.73 17.16
C LYS C 45 31.06 35.66 18.03
N PRO C 46 30.30 34.61 18.28
CA PRO C 46 30.73 33.51 19.13
C PRO C 46 31.42 32.30 18.47
N ASP C 47 31.93 31.42 19.33
CA ASP C 47 32.60 30.20 18.88
C ASP C 47 31.61 29.32 18.13
N LYS C 48 32.12 28.46 17.26
CA LYS C 48 31.27 27.59 16.47
C LYS C 48 30.44 26.66 17.36
N LEU C 49 31.05 26.12 18.40
CA LEU C 49 30.34 25.24 19.31
C LEU C 49 29.21 25.99 20.00
N THR C 50 29.50 27.22 20.42
CA THR C 50 28.50 28.06 21.06
C THR C 50 27.39 28.43 20.08
N ILE C 51 27.81 28.76 18.85
CA ILE C 51 26.90 29.13 17.78
C ILE C 51 25.97 27.98 17.42
N LEU C 52 26.52 26.78 17.41
CA LEU C 52 25.77 25.58 17.06
C LEU C 52 24.62 25.32 18.03
N ARG C 53 24.86 25.53 19.31
CA ARG C 53 23.83 25.30 20.31
C ARG C 53 22.78 26.40 20.17
N MET C 54 23.19 27.53 19.59
CA MET C 54 22.26 28.64 19.32
C MET C 54 21.29 28.34 18.21
N ALA C 55 21.78 27.75 17.13
CA ALA C 55 20.90 27.30 16.07
C ALA C 55 19.95 26.22 16.59
N VAL C 56 20.49 25.30 17.39
CA VAL C 56 19.68 24.22 17.95
C VAL C 56 18.48 24.78 18.69
N SER C 57 18.82 25.54 19.73
CA SER C 57 17.85 26.18 20.60
C SER C 57 16.87 26.98 19.77
N HIS C 58 17.38 27.54 18.68
CA HIS C 58 16.56 28.34 17.79
C HIS C 58 15.50 27.56 17.02
N MET C 59 15.90 26.36 16.58
CA MET C 59 15.03 25.45 15.86
C MET C 59 13.92 24.98 16.79
N LYS C 60 14.26 24.69 18.04
CA LYS C 60 13.29 24.23 19.01
C LYS C 60 12.06 25.16 19.06
N SER C 61 12.31 26.46 19.01
CA SER C 61 11.24 27.45 19.00
C SER C 61 10.57 27.55 17.63
N THR C 80 6.27 21.92 8.06
CA THR C 80 5.99 21.02 6.95
C THR C 80 4.48 20.76 6.82
N ASP C 81 3.65 21.68 7.34
CA ASP C 81 2.20 21.49 7.29
C ASP C 81 1.38 22.54 6.51
N GLN C 82 1.07 23.67 7.14
CA GLN C 82 0.37 24.75 6.44
C GLN C 82 1.21 25.23 5.26
N GLU C 83 2.51 25.28 5.57
CA GLU C 83 3.60 25.61 4.67
C GLU C 83 3.45 24.88 3.37
N LEU C 84 3.16 23.62 3.54
CA LEU C 84 2.99 22.68 2.47
C LEU C 84 1.85 23.06 1.52
N LYS C 85 0.68 23.26 2.10
CA LYS C 85 -0.46 23.88 1.43
C LYS C 85 -0.12 25.15 0.61
N HIS C 86 0.45 26.18 1.24
CA HIS C 86 0.63 27.44 0.51
C HIS C 86 1.54 27.18 -0.66
N LEU C 87 2.52 26.33 -0.39
CA LEU C 87 3.57 25.96 -1.33
C LEU C 87 3.02 25.31 -2.60
N ILE C 88 2.03 24.47 -2.42
CA ILE C 88 1.33 23.86 -3.53
C ILE C 88 0.63 24.91 -4.35
N LEU C 89 -0.07 25.78 -3.64
CA LEU C 89 -0.80 26.82 -4.31
C LEU C 89 0.13 27.64 -5.20
N GLU C 90 1.38 27.80 -4.78
CA GLU C 90 2.34 28.51 -5.61
C GLU C 90 2.86 27.71 -6.79
N ALA C 91 3.45 26.55 -6.51
CA ALA C 91 4.08 25.79 -7.57
C ALA C 91 3.01 25.20 -8.46
N ALA C 92 2.16 24.39 -7.87
CA ALA C 92 1.16 23.68 -8.66
C ALA C 92 -0.01 24.55 -8.99
N ASP C 93 -0.26 25.57 -8.17
CA ASP C 93 -1.49 26.32 -8.24
C ASP C 93 -2.62 25.35 -7.88
N GLY C 94 -2.41 24.61 -6.80
CA GLY C 94 -3.34 23.54 -6.42
C GLY C 94 -3.98 23.63 -5.05
N PHE C 95 -4.95 22.75 -4.80
CA PHE C 95 -5.65 22.68 -3.49
C PHE C 95 -6.03 21.24 -3.14
N LEU C 96 -6.15 20.93 -1.85
CA LEU C 96 -6.46 19.56 -1.43
C LEU C 96 -7.92 19.33 -1.09
N PHE C 97 -8.40 18.11 -1.32
CA PHE C 97 -9.74 17.74 -0.92
C PHE C 97 -9.91 16.23 -0.76
N ILE C 98 -10.85 15.88 0.12
CA ILE C 98 -11.16 14.49 0.43
C ILE C 98 -12.64 14.28 0.16
N VAL C 99 -12.97 13.20 -0.53
CA VAL C 99 -14.35 12.95 -0.85
C VAL C 99 -14.76 11.55 -0.44
N SER C 100 -16.00 11.40 0.04
CA SER C 100 -16.48 10.08 0.37
C SER C 100 -16.51 9.31 -0.91
N CYS C 101 -16.10 8.05 -0.87
CA CYS C 101 -15.98 7.28 -2.09
C CYS C 101 -17.32 6.78 -2.59
N GLU C 102 -18.26 6.55 -1.68
CA GLU C 102 -19.60 6.17 -2.07
C GLU C 102 -20.40 7.34 -2.62
N THR C 103 -20.58 8.33 -1.75
CA THR C 103 -21.50 9.41 -2.03
C THR C 103 -20.87 10.42 -2.97
N GLY C 104 -19.55 10.44 -2.97
CA GLY C 104 -18.85 11.47 -3.67
C GLY C 104 -18.97 12.72 -2.84
N ARG C 105 -19.18 12.56 -1.54
CA ARG C 105 -19.36 13.75 -0.74
C ARG C 105 -18.05 14.27 -0.27
N VAL C 106 -17.85 15.57 -0.38
CA VAL C 106 -16.57 16.11 -0.01
C VAL C 106 -16.44 16.19 1.50
N VAL C 107 -15.68 15.23 2.01
CA VAL C 107 -15.40 15.13 3.42
C VAL C 107 -14.61 16.37 3.75
N TYR C 108 -13.74 16.77 2.83
CA TYR C 108 -12.92 17.93 3.08
C TYR C 108 -12.61 18.66 1.80
N VAL C 109 -12.52 19.98 1.88
CA VAL C 109 -11.98 20.75 0.78
C VAL C 109 -11.09 21.84 1.37
N SER C 110 -9.86 21.94 0.86
CA SER C 110 -8.91 22.94 1.35
C SER C 110 -9.36 24.37 1.06
N ASP C 111 -8.87 25.29 1.88
CA ASP C 111 -9.12 26.71 1.70
C ASP C 111 -8.71 27.19 0.31
N SER C 112 -7.68 26.54 -0.20
CA SER C 112 -7.04 26.94 -1.45
C SER C 112 -7.99 26.83 -2.65
N VAL C 113 -9.14 26.18 -2.44
CA VAL C 113 -10.18 26.16 -3.45
C VAL C 113 -10.61 27.54 -3.93
N THR C 114 -10.60 28.52 -3.04
CA THR C 114 -11.08 29.85 -3.43
C THR C 114 -10.14 30.56 -4.39
N PRO C 115 -8.84 30.67 -4.06
CA PRO C 115 -7.97 31.29 -5.06
C PRO C 115 -7.95 30.48 -6.34
N VAL C 116 -7.99 29.17 -6.17
CA VAL C 116 -7.87 28.29 -7.31
C VAL C 116 -9.13 28.35 -8.17
N LEU C 117 -10.30 28.24 -7.58
CA LEU C 117 -11.51 28.22 -8.40
C LEU C 117 -12.36 29.47 -8.37
N ASN C 118 -11.98 30.47 -7.58
CA ASN C 118 -12.90 31.55 -7.27
C ASN C 118 -14.14 30.85 -6.75
N GLN C 119 -13.94 30.06 -5.70
CA GLN C 119 -15.02 29.29 -5.13
C GLN C 119 -14.97 29.18 -3.61
N PRO C 120 -16.11 29.46 -2.95
CA PRO C 120 -16.33 29.37 -1.49
C PRO C 120 -16.08 27.98 -0.93
N GLN C 121 -15.61 27.87 0.30
CA GLN C 121 -15.40 26.55 0.86
C GLN C 121 -16.76 25.91 1.07
N SER C 122 -17.72 26.74 1.46
CA SER C 122 -19.09 26.33 1.75
C SER C 122 -19.86 25.74 0.59
N GLU C 123 -19.72 26.38 -0.57
CA GLU C 123 -20.28 25.89 -1.80
C GLU C 123 -19.87 24.44 -1.99
N TRP C 124 -18.58 24.18 -1.74
CA TRP C 124 -17.99 22.87 -1.95
C TRP C 124 -18.01 21.87 -0.80
N PHE C 125 -18.33 22.31 0.41
CA PHE C 125 -18.34 21.38 1.49
C PHE C 125 -19.75 20.86 1.77
N GLY C 126 -20.76 21.65 1.41
CA GLY C 126 -22.13 21.19 1.47
C GLY C 126 -22.44 20.20 0.38
N SER C 127 -21.45 19.96 -0.49
CA SER C 127 -21.68 19.24 -1.74
C SER C 127 -21.14 17.80 -1.87
N THR C 128 -21.55 17.20 -2.98
CA THR C 128 -20.95 16.01 -3.52
C THR C 128 -20.32 16.42 -4.83
N LEU C 129 -19.11 15.94 -5.08
CA LEU C 129 -18.29 16.45 -6.19
C LEU C 129 -18.92 16.34 -7.57
N TYR C 130 -19.84 15.41 -7.73
CA TYR C 130 -20.54 15.23 -9.00
C TYR C 130 -21.23 16.47 -9.57
N ASP C 131 -21.80 17.31 -8.71
CA ASP C 131 -22.47 18.53 -9.17
C ASP C 131 -21.44 19.65 -9.37
N GLN C 132 -20.23 19.41 -8.91
CA GLN C 132 -19.13 20.35 -9.00
C GLN C 132 -18.22 20.24 -10.23
N VAL C 133 -18.49 19.27 -11.09
CA VAL C 133 -17.69 19.02 -12.29
C VAL C 133 -18.60 19.01 -13.51
N HIS C 134 -18.01 19.26 -14.69
CA HIS C 134 -18.81 19.33 -15.90
C HIS C 134 -19.75 18.11 -15.95
N PRO C 135 -21.01 18.28 -16.39
CA PRO C 135 -21.90 17.10 -16.38
C PRO C 135 -21.39 15.93 -17.22
N ASP C 136 -20.89 16.19 -18.42
CA ASP C 136 -20.26 15.15 -19.24
C ASP C 136 -18.99 14.56 -18.60
N ASP C 137 -18.55 15.14 -17.49
CA ASP C 137 -17.40 14.58 -16.78
C ASP C 137 -17.78 13.52 -15.75
N VAL C 138 -19.07 13.21 -15.60
CA VAL C 138 -19.47 12.39 -14.45
C VAL C 138 -19.13 10.88 -14.39
N ASP C 139 -19.39 10.10 -15.43
CA ASP C 139 -19.27 8.65 -15.27
C ASP C 139 -17.82 8.19 -15.24
N LYS C 140 -16.98 8.86 -16.02
CA LYS C 140 -15.53 8.92 -15.80
C LYS C 140 -15.21 8.81 -14.32
N LEU C 141 -15.79 9.74 -13.58
CA LEU C 141 -15.53 9.88 -12.17
C LEU C 141 -16.07 8.71 -11.39
N ARG C 142 -17.23 8.23 -11.82
CA ARG C 142 -17.78 7.02 -11.24
C ARG C 142 -16.70 5.95 -11.31
N GLU C 143 -15.99 5.87 -12.44
CA GLU C 143 -14.94 4.88 -12.54
C GLU C 143 -13.79 5.14 -11.57
N GLN C 144 -13.43 6.41 -11.41
CA GLN C 144 -12.29 6.73 -10.57
C GLN C 144 -12.58 6.49 -9.08
N LEU C 145 -13.85 6.36 -8.71
CA LEU C 145 -14.24 6.07 -7.33
C LEU C 145 -14.89 4.70 -7.13
N SER C 146 -14.11 3.62 -7.05
CA SER C 146 -14.73 2.29 -6.94
C SER C 146 -13.89 1.16 -6.36
N THR C 147 -14.52 0.00 -6.31
CA THR C 147 -13.93 -1.24 -5.85
C THR C 147 -12.62 -1.59 -6.57
N SER C 179 -6.02 1.59 -3.61
CA SER C 179 -5.12 1.88 -4.71
C SER C 179 -4.97 3.37 -4.91
N ARG C 180 -4.44 3.76 -6.06
CA ARG C 180 -4.11 5.15 -6.29
C ARG C 180 -4.86 5.69 -7.49
N ARG C 181 -5.08 7.00 -7.51
CA ARG C 181 -5.88 7.62 -8.55
C ARG C 181 -5.25 8.84 -9.20
N SER C 182 -5.66 9.08 -10.44
CA SER C 182 -5.29 10.28 -11.18
C SER C 182 -6.13 10.50 -12.42
N PHE C 183 -6.51 11.74 -12.68
CA PHE C 183 -7.36 12.07 -13.84
C PHE C 183 -7.48 13.57 -14.09
N ILE C 184 -7.97 13.94 -15.28
CA ILE C 184 -8.24 15.34 -15.62
C ILE C 184 -9.73 15.67 -15.70
N CYS C 185 -10.13 16.90 -15.35
CA CYS C 185 -11.55 17.26 -15.43
C CYS C 185 -11.93 18.74 -15.36
N ARG C 186 -12.95 19.14 -16.11
CA ARG C 186 -13.40 20.51 -16.01
C ARG C 186 -14.36 20.71 -14.86
N MET C 187 -13.90 21.47 -13.88
CA MET C 187 -14.67 21.82 -12.69
C MET C 187 -15.17 23.25 -12.81
N ARG C 188 -16.15 23.67 -12.00
CA ARG C 188 -16.73 25.02 -12.17
C ARG C 188 -16.20 26.05 -11.15
N CYS C 189 -16.25 27.30 -11.58
CA CYS C 189 -15.69 28.45 -10.86
C CYS C 189 -16.72 29.35 -10.18
N PRO C 221 -21.84 30.37 -16.38
CA PRO C 221 -21.66 28.99 -16.84
C PRO C 221 -20.23 28.72 -17.32
N HIS C 222 -19.27 28.61 -16.39
CA HIS C 222 -17.84 28.52 -16.75
C HIS C 222 -17.04 27.36 -16.12
N PHE C 223 -16.35 26.54 -16.93
CA PHE C 223 -15.54 25.39 -16.45
C PHE C 223 -14.05 25.43 -16.78
N VAL C 224 -13.24 24.88 -15.88
CA VAL C 224 -11.78 24.81 -16.04
C VAL C 224 -11.21 23.42 -15.92
N VAL C 225 -10.25 23.14 -16.77
CA VAL C 225 -9.57 21.87 -16.75
C VAL C 225 -8.69 21.73 -15.52
N VAL C 226 -8.78 20.58 -14.84
CA VAL C 226 -8.11 20.37 -13.56
C VAL C 226 -7.46 18.99 -13.43
N HIS C 227 -6.14 18.94 -13.26
CA HIS C 227 -5.45 17.67 -13.00
C HIS C 227 -5.54 17.25 -11.57
N CYS C 228 -5.96 16.02 -11.35
CA CYS C 228 -6.29 15.55 -10.02
C CYS C 228 -5.49 14.32 -9.71
N THR C 229 -4.81 14.33 -8.56
CA THR C 229 -3.95 13.24 -8.20
C THR C 229 -4.13 12.84 -6.74
N GLY C 230 -4.30 11.56 -6.49
CA GLY C 230 -4.55 11.16 -5.12
C GLY C 230 -4.57 9.68 -4.97
N TYR C 231 -5.30 9.23 -3.98
CA TYR C 231 -5.34 7.83 -3.63
C TYR C 231 -6.47 7.64 -2.64
N ILE C 232 -6.81 6.39 -2.43
CA ILE C 232 -7.89 6.02 -1.54
C ILE C 232 -7.38 5.68 -0.15
N LYS C 233 -8.11 6.16 0.85
CA LYS C 233 -7.88 5.84 2.26
C LYS C 233 -9.20 5.50 2.93
N ALA C 234 -9.20 4.58 3.88
CA ALA C 234 -10.44 4.28 4.60
C ALA C 234 -10.51 5.01 5.93
N TRP C 235 -11.30 4.44 6.84
CA TRP C 235 -11.51 5.02 8.14
C TRP C 235 -11.66 3.96 9.21
N PHE C 255 -14.63 5.04 3.84
CA PHE C 255 -13.84 4.91 2.63
C PHE C 255 -13.89 6.20 1.84
N CYS C 256 -12.74 6.83 1.66
CA CYS C 256 -12.64 8.09 0.93
C CYS C 256 -11.44 8.21 0.00
N LEU C 257 -11.41 9.31 -0.73
CA LEU C 257 -10.29 9.62 -1.60
C LEU C 257 -9.67 10.95 -1.24
N VAL C 258 -8.40 10.86 -0.88
CA VAL C 258 -7.54 12.01 -0.70
C VAL C 258 -6.86 12.41 -1.99
N ALA C 259 -7.07 13.64 -2.44
CA ALA C 259 -6.44 14.07 -3.68
C ALA C 259 -6.25 15.58 -3.81
N ILE C 260 -5.33 15.98 -4.69
CA ILE C 260 -5.05 17.35 -4.97
C ILE C 260 -5.53 17.71 -6.37
N GLY C 261 -6.13 18.89 -6.50
CA GLY C 261 -6.57 19.41 -7.78
C GLY C 261 -5.69 20.58 -8.19
N ARG C 262 -5.17 20.52 -9.40
CA ARG C 262 -4.14 21.44 -9.87
C ARG C 262 -4.53 22.03 -11.23
N LEU C 263 -4.15 23.29 -11.47
CA LEU C 263 -4.33 23.89 -12.78
C LEU C 263 -3.09 24.05 -13.65
N GLN C 264 -3.33 24.53 -14.86
CA GLN C 264 -2.32 24.63 -15.90
C GLN C 264 -2.49 25.95 -16.64
N THR C 281 -13.01 38.63 -40.55
CA THR C 281 -11.74 39.14 -41.05
C THR C 281 -11.15 38.26 -42.13
N GLU C 282 -11.18 36.96 -41.87
CA GLU C 282 -10.41 35.98 -42.63
C GLU C 282 -10.72 34.59 -42.13
N PHE C 283 -10.09 33.59 -42.73
CA PHE C 283 -10.21 32.23 -42.18
C PHE C 283 -8.96 31.39 -42.45
N ILE C 284 -8.85 30.26 -41.79
CA ILE C 284 -7.67 29.42 -41.95
C ILE C 284 -7.91 28.14 -42.72
N SER C 285 -6.98 27.82 -43.59
CA SER C 285 -7.07 26.62 -44.37
C SER C 285 -5.80 25.82 -44.30
N ARG C 286 -5.88 24.59 -44.79
CA ARG C 286 -4.77 23.65 -44.79
C ARG C 286 -4.88 22.82 -46.07
N HIS C 287 -3.77 22.71 -46.80
CA HIS C 287 -3.78 22.12 -48.15
C HIS C 287 -2.75 21.00 -48.35
N ASN C 288 -3.07 20.08 -49.26
CA ASN C 288 -2.08 19.14 -49.78
C ASN C 288 -1.20 19.87 -50.78
N ILE C 289 -0.04 19.30 -51.09
CA ILE C 289 0.89 19.92 -52.01
C ILE C 289 0.22 20.26 -53.34
N GLU C 290 -0.72 19.43 -53.77
CA GLU C 290 -1.43 19.70 -55.02
C GLU C 290 -2.22 21.01 -54.95
N GLY C 291 -2.74 21.35 -53.78
CA GLY C 291 -3.54 22.55 -53.68
C GLY C 291 -4.97 22.27 -53.25
N ILE C 292 -5.31 20.98 -53.20
CA ILE C 292 -6.63 20.56 -52.73
C ILE C 292 -6.77 20.91 -51.25
N PHE C 293 -7.95 21.36 -50.84
CA PHE C 293 -8.31 21.60 -49.43
C PHE C 293 -8.45 20.36 -48.56
N THR C 294 -7.57 20.18 -47.58
CA THR C 294 -7.71 19.04 -46.68
C THR C 294 -8.23 19.45 -45.32
N PHE C 295 -8.13 20.74 -45.00
CA PHE C 295 -8.67 21.28 -43.76
C PHE C 295 -9.10 22.75 -43.89
N VAL C 296 -10.22 23.09 -43.28
CA VAL C 296 -10.77 24.44 -43.36
C VAL C 296 -11.43 24.91 -42.07
N ASP C 297 -11.34 26.21 -41.81
CA ASP C 297 -11.97 26.76 -40.62
C ASP C 297 -13.44 27.07 -40.94
N HIS C 298 -14.28 27.01 -39.92
CA HIS C 298 -15.71 27.31 -40.05
C HIS C 298 -15.90 28.73 -40.57
N ARG C 299 -14.98 29.63 -40.25
CA ARG C 299 -15.15 31.04 -40.60
C ARG C 299 -15.09 31.24 -42.10
N CYS C 300 -14.76 30.17 -42.82
CA CYS C 300 -14.87 30.17 -44.27
C CYS C 300 -16.27 30.59 -44.68
N VAL C 301 -17.29 30.04 -44.00
CA VAL C 301 -18.68 30.39 -44.34
C VAL C 301 -18.89 31.89 -44.22
N ALA C 302 -18.25 32.50 -43.22
CA ALA C 302 -18.41 33.94 -43.02
C ALA C 302 -17.48 34.71 -43.94
N THR C 303 -16.43 34.04 -44.37
CA THR C 303 -15.36 34.69 -45.09
C THR C 303 -15.65 34.61 -46.58
N VAL C 304 -16.19 33.48 -47.03
CA VAL C 304 -16.44 33.31 -48.45
C VAL C 304 -17.85 32.82 -48.76
N GLY C 305 -18.65 32.57 -47.72
CA GLY C 305 -20.01 32.13 -47.93
C GLY C 305 -20.12 30.62 -48.11
N TYR C 306 -19.02 29.96 -48.45
CA TYR C 306 -19.09 28.52 -48.64
C TYR C 306 -19.08 27.75 -47.33
N GLN C 307 -19.85 26.68 -47.33
CA GLN C 307 -19.79 25.71 -46.25
C GLN C 307 -18.53 24.89 -46.43
N PRO C 308 -17.83 24.60 -45.32
CA PRO C 308 -16.60 23.80 -45.30
C PRO C 308 -16.61 22.63 -46.30
N GLN C 309 -17.71 21.90 -46.34
CA GLN C 309 -17.89 20.76 -47.24
C GLN C 309 -17.69 21.09 -48.72
N GLU C 310 -18.07 22.30 -49.12
CA GLU C 310 -17.98 22.66 -50.52
C GLU C 310 -16.55 22.93 -50.91
N LEU C 311 -15.75 23.41 -49.96
CA LEU C 311 -14.33 23.63 -50.21
C LEU C 311 -13.51 22.35 -50.21
N LEU C 312 -13.70 21.51 -49.20
CA LEU C 312 -12.88 20.33 -49.00
C LEU C 312 -12.92 19.40 -50.20
N GLY C 313 -11.78 18.82 -50.54
CA GLY C 313 -11.70 17.96 -51.70
C GLY C 313 -11.29 18.65 -52.99
N LYS C 314 -11.49 19.96 -53.07
CA LYS C 314 -11.27 20.66 -54.32
C LYS C 314 -10.00 21.51 -54.33
N ASN C 315 -9.40 21.67 -55.50
CA ASN C 315 -8.20 22.48 -55.63
C ASN C 315 -8.49 23.98 -55.56
N ILE C 316 -7.61 24.71 -54.89
CA ILE C 316 -7.81 26.14 -54.68
C ILE C 316 -7.86 26.95 -55.96
N VAL C 317 -7.12 26.52 -56.97
CA VAL C 317 -7.02 27.27 -58.20
C VAL C 317 -8.33 27.20 -58.95
N GLU C 318 -9.20 26.29 -58.53
CA GLU C 318 -10.53 26.19 -59.11
C GLU C 318 -11.39 27.37 -58.69
N PHE C 319 -11.04 27.93 -57.54
CA PHE C 319 -11.74 29.06 -56.96
C PHE C 319 -11.10 30.37 -57.34
N CYS C 320 -10.03 30.26 -58.12
CA CYS C 320 -9.22 31.41 -58.44
C CYS C 320 -9.62 31.97 -59.80
N HIS C 321 -9.60 33.30 -59.89
CA HIS C 321 -9.82 33.99 -61.15
C HIS C 321 -8.77 33.53 -62.16
N PRO C 322 -9.21 33.13 -63.36
CA PRO C 322 -8.36 32.53 -64.40
C PRO C 322 -7.02 33.25 -64.60
N GLU C 323 -7.09 34.56 -64.66
CA GLU C 323 -5.91 35.41 -64.76
C GLU C 323 -4.91 35.16 -63.65
N ASP C 324 -5.43 35.06 -62.45
CA ASP C 324 -4.58 35.06 -61.27
C ASP C 324 -4.16 33.65 -60.95
N GLN C 325 -4.63 32.71 -61.76
CA GLN C 325 -4.40 31.32 -61.47
C GLN C 325 -2.95 30.93 -61.56
N GLN C 326 -2.27 31.37 -62.62
CA GLN C 326 -0.87 30.99 -62.77
C GLN C 326 -0.03 31.63 -61.69
N LEU C 327 -0.46 32.81 -61.26
CA LEU C 327 0.17 33.47 -60.14
C LEU C 327 0.06 32.60 -58.90
N LEU C 328 -1.12 32.05 -58.72
CA LEU C 328 -1.39 31.22 -57.56
C LEU C 328 -0.48 30.00 -57.63
N ARG C 329 -0.43 29.42 -58.82
CA ARG C 329 0.34 28.21 -59.06
C ARG C 329 1.80 28.39 -58.68
N ASP C 330 2.42 29.41 -59.25
CA ASP C 330 3.84 29.56 -59.04
C ASP C 330 4.11 29.90 -57.59
N SER C 331 3.17 30.60 -56.97
CA SER C 331 3.27 30.84 -55.54
C SER C 331 3.40 29.54 -54.80
N PHE C 332 2.60 28.54 -55.17
CA PHE C 332 2.67 27.26 -54.50
C PHE C 332 4.02 26.63 -54.69
N GLN C 333 4.43 26.63 -55.96
CA GLN C 333 5.74 26.14 -56.32
C GLN C 333 6.74 26.65 -55.34
N GLN C 334 6.67 27.93 -55.11
CA GLN C 334 7.65 28.62 -54.31
C GLN C 334 7.53 28.34 -52.81
N VAL C 335 6.31 28.20 -52.33
CA VAL C 335 6.11 27.89 -50.92
C VAL C 335 6.74 26.55 -50.60
N VAL C 336 6.61 25.59 -51.51
CA VAL C 336 7.26 24.31 -51.26
C VAL C 336 8.75 24.46 -51.48
N LYS C 337 9.11 25.08 -52.60
CA LYS C 337 10.49 25.37 -52.95
C LYS C 337 11.20 25.93 -51.74
N LEU C 338 10.49 26.78 -51.01
CA LEU C 338 10.99 27.40 -49.81
C LEU C 338 10.43 26.70 -48.57
N LYS C 339 11.27 25.91 -47.92
CA LYS C 339 10.86 25.14 -46.76
C LYS C 339 10.30 26.05 -45.68
N GLY C 340 9.01 25.96 -45.39
CA GLY C 340 8.58 26.55 -44.15
C GLY C 340 8.28 28.03 -44.06
N GLN C 341 8.99 28.90 -44.78
CA GLN C 341 8.68 30.33 -44.72
C GLN C 341 7.43 30.74 -45.46
N VAL C 342 7.01 31.95 -45.11
CA VAL C 342 5.79 32.59 -45.57
C VAL C 342 5.94 33.42 -46.81
N LEU C 343 5.01 33.18 -47.72
CA LEU C 343 4.87 33.98 -48.89
C LEU C 343 3.46 34.56 -48.80
N SER C 344 3.28 35.80 -49.23
CA SER C 344 1.92 36.30 -49.37
C SER C 344 1.59 36.42 -50.84
N VAL C 345 0.33 36.21 -51.18
CA VAL C 345 -0.13 36.54 -52.52
C VAL C 345 -1.59 37.00 -52.48
N MET C 346 -1.98 37.78 -53.46
CA MET C 346 -3.33 38.31 -53.51
C MET C 346 -4.07 37.95 -54.79
N PHE C 347 -5.38 37.74 -54.67
CA PHE C 347 -6.16 37.25 -55.79
C PHE C 347 -7.66 37.32 -55.58
N ARG C 348 -8.39 37.37 -56.68
CA ARG C 348 -9.84 37.37 -56.64
C ARG C 348 -10.35 35.98 -56.40
N PHE C 349 -11.14 35.86 -55.35
CA PHE C 349 -11.68 34.59 -54.93
C PHE C 349 -13.17 34.49 -55.23
N ARG C 350 -13.54 33.37 -55.85
CA ARG C 350 -14.91 33.13 -56.23
C ARG C 350 -15.84 33.04 -55.01
N SER C 351 -16.57 34.11 -54.70
CA SER C 351 -17.56 34.02 -53.64
C SER C 351 -18.63 32.99 -53.96
N LYS C 352 -19.37 32.53 -52.95
CA LYS C 352 -20.47 31.59 -53.21
C LYS C 352 -21.61 32.32 -53.87
N THR C 353 -21.66 33.62 -53.65
CA THR C 353 -22.58 34.46 -54.39
C THR C 353 -21.97 34.78 -55.73
N ARG C 354 -21.03 33.95 -56.16
CA ARG C 354 -20.28 34.18 -57.38
C ARG C 354 -19.74 35.60 -57.42
N GLU C 355 -18.79 35.90 -56.55
CA GLU C 355 -18.24 37.24 -56.63
C GLU C 355 -16.74 37.20 -56.46
N TRP C 356 -16.02 37.97 -57.26
CA TRP C 356 -14.57 38.01 -57.20
C TRP C 356 -14.12 38.84 -56.03
N LEU C 357 -13.76 38.16 -54.97
CA LEU C 357 -13.35 38.75 -53.72
C LEU C 357 -11.86 38.81 -53.60
N TRP C 358 -11.29 39.99 -53.71
CA TRP C 358 -9.87 40.13 -53.50
C TRP C 358 -9.48 39.61 -52.14
N MET C 359 -8.38 38.87 -52.14
CA MET C 359 -7.95 38.24 -50.94
C MET C 359 -6.47 38.11 -50.89
N ARG C 360 -5.89 38.58 -49.80
CA ARG C 360 -4.53 38.23 -49.54
C ARG C 360 -4.56 36.98 -48.73
N THR C 361 -3.67 36.09 -49.09
CA THR C 361 -3.43 34.92 -48.29
C THR C 361 -1.92 34.82 -48.05
N SER C 362 -1.56 34.39 -46.85
CA SER C 362 -0.16 34.19 -46.48
C SER C 362 0.06 32.77 -45.99
N SER C 363 1.14 32.13 -46.45
CA SER C 363 1.28 30.70 -46.22
C SER C 363 2.70 30.15 -46.25
N PHE C 364 2.84 28.94 -45.73
CA PHE C 364 4.13 28.28 -45.57
C PHE C 364 4.04 26.77 -45.52
N THR C 365 5.09 26.08 -45.96
CA THR C 365 5.11 24.63 -45.79
C THR C 365 5.32 24.25 -44.34
N PHE C 366 4.91 23.02 -44.03
CA PHE C 366 5.04 22.48 -42.69
C PHE C 366 5.87 21.21 -42.73
N GLN C 367 7.09 21.25 -42.21
CA GLN C 367 7.93 20.08 -42.20
C GLN C 367 7.55 19.17 -41.03
N ASN C 368 7.56 17.85 -41.19
CA ASN C 368 7.49 17.00 -40.00
C ASN C 368 8.76 17.24 -39.21
N PRO C 369 8.65 17.43 -37.90
CA PRO C 369 9.88 17.70 -37.16
C PRO C 369 10.82 16.50 -37.17
N TYR C 370 10.27 15.30 -37.25
CA TYR C 370 11.13 14.14 -37.27
C TYR C 370 11.67 13.84 -38.65
N SER C 371 10.78 13.52 -39.57
CA SER C 371 11.19 13.09 -40.89
C SER C 371 11.60 14.27 -41.74
N ASP C 372 11.14 15.44 -41.33
CA ASP C 372 11.39 16.65 -42.10
C ASP C 372 10.78 16.49 -43.46
N GLU C 373 9.77 15.66 -43.51
CA GLU C 373 8.98 15.53 -44.69
C GLU C 373 7.86 16.51 -44.46
N ILE C 374 7.27 17.01 -45.53
CA ILE C 374 6.38 18.14 -45.45
C ILE C 374 5.01 17.57 -45.28
N GLU C 375 4.47 17.71 -44.07
CA GLU C 375 3.11 17.28 -43.81
C GLU C 375 2.07 18.02 -44.65
N TYR C 376 2.15 19.35 -44.72
CA TYR C 376 1.13 20.12 -45.44
C TYR C 376 1.41 21.61 -45.50
N ILE C 377 0.59 22.32 -46.27
CA ILE C 377 0.69 23.78 -46.34
C ILE C 377 -0.43 24.48 -45.56
N ILE C 378 -0.11 25.57 -44.85
CA ILE C 378 -1.13 26.30 -44.09
C ILE C 378 -1.41 27.71 -44.57
N CYS C 379 -2.65 28.01 -44.88
CA CYS C 379 -3.00 29.34 -45.34
C CYS C 379 -3.83 30.14 -44.35
N THR C 380 -3.54 31.42 -44.32
CA THR C 380 -4.41 32.36 -43.67
C THR C 380 -4.98 33.26 -44.72
N ASN C 381 -6.28 33.23 -44.82
CA ASN C 381 -6.95 33.70 -46.00
C ASN C 381 -7.76 34.93 -45.69
N THR C 382 -7.19 36.07 -46.06
CA THR C 382 -7.64 37.32 -45.53
C THR C 382 -8.32 38.15 -46.55
N ASN C 383 -9.57 38.47 -46.26
CA ASN C 383 -10.34 39.26 -47.19
C ASN C 383 -9.66 40.59 -47.26
N VAL C 384 -9.24 40.95 -48.46
CA VAL C 384 -8.65 42.24 -48.67
C VAL C 384 -9.48 42.94 -49.73
N CYS D 24 39.18 16.23 23.92
CA CYS D 24 38.17 16.55 24.91
C CYS D 24 36.96 17.23 24.34
N ARG D 25 37.22 18.34 23.67
CA ARG D 25 36.16 19.20 23.20
C ARG D 25 35.72 18.74 21.80
N ARG D 26 36.46 17.82 21.22
CA ARG D 26 35.89 17.13 20.07
C ARG D 26 34.57 16.57 20.51
N SER D 27 34.52 16.04 21.74
CA SER D 27 33.30 15.49 22.30
C SER D 27 32.24 16.57 22.27
N LYS D 28 32.61 17.70 22.89
CA LYS D 28 31.81 18.92 22.86
C LYS D 28 31.09 19.10 21.52
N GLU D 29 31.91 19.25 20.51
CA GLU D 29 31.41 19.65 19.21
C GLU D 29 30.52 18.59 18.57
N THR D 30 30.93 17.32 18.70
CA THR D 30 30.11 16.21 18.22
C THR D 30 28.73 16.19 18.86
N GLU D 31 28.69 16.07 20.19
CA GLU D 31 27.40 15.93 20.87
C GLU D 31 26.54 17.10 20.50
N VAL D 32 27.17 18.26 20.27
CA VAL D 32 26.40 19.42 19.82
C VAL D 32 25.79 19.25 18.42
N PHE D 33 26.58 18.75 17.47
CA PHE D 33 26.04 18.42 16.16
C PHE D 33 24.81 17.56 16.30
N TYR D 34 24.91 16.66 17.26
CA TYR D 34 23.92 15.61 17.41
C TYR D 34 22.65 16.22 17.98
N GLU D 35 22.83 17.12 18.92
CA GLU D 35 21.74 17.95 19.39
C GLU D 35 21.01 18.60 18.23
N LEU D 36 21.77 19.21 17.32
CA LEU D 36 21.15 19.95 16.24
C LEU D 36 20.37 19.06 15.31
N ALA D 37 21.06 18.03 14.87
CA ALA D 37 20.53 17.03 13.98
C ALA D 37 19.20 16.57 14.52
N HIS D 38 19.18 16.32 15.82
CA HIS D 38 17.96 15.95 16.50
C HIS D 38 16.79 16.88 16.22
N GLU D 39 17.04 18.17 16.43
CA GLU D 39 15.97 19.14 16.42
C GLU D 39 15.68 19.78 15.07
N LEU D 40 16.01 19.07 14.00
CA LEU D 40 15.48 19.36 12.66
C LEU D 40 14.13 18.67 12.46
N PRO D 41 13.28 19.16 11.51
CA PRO D 41 11.93 18.57 11.33
C PRO D 41 11.94 17.21 10.65
N LEU D 42 12.98 16.43 10.89
CA LEU D 42 13.16 15.14 10.26
C LEU D 42 13.16 14.05 11.30
N PRO D 43 12.74 12.85 10.89
CA PRO D 43 12.76 11.82 11.93
C PRO D 43 14.18 11.52 12.36
N HIS D 44 14.28 11.01 13.57
CA HIS D 44 15.56 10.72 14.19
C HIS D 44 16.20 9.58 13.44
N SER D 45 15.41 8.85 12.65
CA SER D 45 16.02 7.78 11.86
C SER D 45 17.05 8.34 10.87
N VAL D 46 16.75 9.46 10.21
CA VAL D 46 17.67 10.08 9.23
C VAL D 46 18.44 11.32 9.70
N SER D 47 18.25 11.69 10.96
CA SER D 47 18.87 12.82 11.61
C SER D 47 20.21 12.42 12.22
N SER D 48 20.20 11.31 12.95
CA SER D 48 21.42 10.76 13.54
C SER D 48 22.58 10.56 12.56
N HIS D 49 22.29 9.96 11.42
CA HIS D 49 23.35 9.67 10.47
C HIS D 49 23.74 10.86 9.63
N LEU D 50 24.45 11.79 10.26
CA LEU D 50 24.90 12.96 9.51
C LEU D 50 26.31 13.42 9.88
N ASP D 51 27.14 13.56 8.86
CA ASP D 51 28.38 14.31 8.94
C ASP D 51 28.03 15.79 9.05
N LYS D 52 29.00 16.59 9.47
CA LYS D 52 28.74 17.96 9.86
C LYS D 52 28.30 18.90 8.73
N ALA D 53 28.96 18.79 7.58
CA ALA D 53 28.66 19.62 6.41
C ALA D 53 27.19 19.53 6.03
N SER D 54 26.71 18.31 6.09
CA SER D 54 25.32 18.01 5.77
C SER D 54 24.41 18.82 6.67
N ILE D 55 24.67 18.72 7.97
CA ILE D 55 23.84 19.36 8.96
C ILE D 55 23.84 20.87 8.69
N MET D 56 24.96 21.37 8.16
CA MET D 56 25.00 22.77 7.78
C MET D 56 23.98 23.08 6.72
N ARG D 57 24.28 22.54 5.54
CA ARG D 57 23.45 22.70 4.36
C ARG D 57 22.00 22.69 4.72
N LEU D 58 21.65 21.64 5.43
CA LEU D 58 20.29 21.35 5.80
C LEU D 58 19.68 22.38 6.74
N ALA D 59 20.43 22.73 7.77
CA ALA D 59 19.94 23.71 8.72
C ALA D 59 19.59 24.98 7.97
N ILE D 60 20.56 25.41 7.19
CA ILE D 60 20.45 26.67 6.51
C ILE D 60 19.24 26.66 5.59
N SER D 61 19.14 25.63 4.76
CA SER D 61 18.01 25.52 3.84
C SER D 61 16.68 25.55 4.54
N PHE D 62 16.59 24.87 5.67
CA PHE D 62 15.37 24.91 6.45
C PHE D 62 15.03 26.35 6.85
N LEU D 63 16.04 27.08 7.26
CA LEU D 63 15.84 28.47 7.67
C LEU D 63 15.34 29.33 6.54
N ARG D 64 16.12 29.34 5.47
CA ARG D 64 15.85 30.11 4.27
C ARG D 64 14.43 29.84 3.84
N THR D 65 14.07 28.54 3.84
CA THR D 65 12.74 28.09 3.44
C THR D 65 11.64 28.66 4.36
N HIS D 66 11.83 28.60 5.68
CA HIS D 66 10.87 29.25 6.53
C HIS D 66 10.74 30.72 6.23
N LYS D 67 11.85 31.31 5.87
CA LYS D 67 11.87 32.72 5.60
C LYS D 67 10.98 33.08 4.42
N LEU D 68 11.27 32.58 3.22
CA LEU D 68 10.45 33.04 2.10
C LEU D 68 9.03 32.53 2.28
N LEU D 69 8.87 31.43 2.99
CA LEU D 69 7.54 30.96 3.32
C LEU D 69 6.76 32.03 4.03
N SER D 70 7.44 32.65 4.99
CA SER D 70 6.89 33.79 5.66
C SER D 70 6.57 34.85 4.62
N SER D 71 7.47 35.01 3.64
CA SER D 71 7.28 35.94 2.52
C SER D 71 6.07 35.60 1.64
N VAL D 72 5.45 34.45 1.92
CA VAL D 72 4.29 34.02 1.16
C VAL D 72 3.09 33.75 2.08
N CYS D 73 3.24 34.15 3.34
CA CYS D 73 2.17 33.96 4.32
C CYS D 73 0.92 34.73 3.94
N SER D 74 1.11 35.95 3.45
CA SER D 74 -0.01 36.80 3.04
C SER D 74 0.23 37.39 1.66
N MET D 86 0.14 16.01 11.56
CA MET D 86 0.90 16.29 10.34
C MET D 86 0.10 16.01 9.09
N ASP D 87 0.67 16.35 7.93
CA ASP D 87 0.05 16.11 6.62
C ASP D 87 0.93 15.29 5.70
N ASN D 88 1.07 14.01 6.00
CA ASN D 88 1.84 13.16 5.14
C ASN D 88 0.93 12.78 3.99
N LEU D 89 -0.32 13.26 4.06
CA LEU D 89 -1.30 12.92 3.05
C LEU D 89 -1.24 13.87 1.85
N TYR D 90 -0.90 15.13 2.10
CA TYR D 90 -0.52 16.00 1.00
C TYR D 90 0.59 15.28 0.24
N LEU D 91 1.58 14.77 0.96
CA LEU D 91 2.69 14.07 0.35
C LEU D 91 2.24 12.89 -0.49
N LYS D 92 1.34 12.07 0.03
CA LYS D 92 0.98 10.87 -0.68
C LYS D 92 0.02 11.14 -1.82
N ALA D 93 -0.78 12.22 -1.74
CA ALA D 93 -1.70 12.61 -2.82
C ALA D 93 -0.91 13.10 -4.02
N LEU D 94 0.25 13.65 -3.71
CA LEU D 94 1.20 14.12 -4.72
C LEU D 94 1.77 13.00 -5.54
N GLU D 95 1.98 13.29 -6.82
CA GLU D 95 2.71 12.39 -7.66
C GLU D 95 3.74 13.22 -8.42
N GLY D 96 4.72 13.67 -7.67
CA GLY D 96 5.79 14.54 -8.13
C GLY D 96 6.30 15.22 -6.88
N PHE D 97 7.27 16.11 -7.00
CA PHE D 97 7.78 16.77 -5.80
C PHE D 97 8.03 18.24 -5.99
N ILE D 98 8.06 18.99 -4.89
CA ILE D 98 8.34 20.42 -4.98
C ILE D 98 9.77 20.80 -4.75
N ALA D 99 10.26 21.69 -5.60
CA ALA D 99 11.61 22.15 -5.49
C ALA D 99 11.62 23.65 -5.46
N VAL D 100 12.42 24.19 -4.57
CA VAL D 100 12.69 25.59 -4.61
C VAL D 100 14.14 25.82 -4.78
N VAL D 101 14.45 26.64 -5.76
CA VAL D 101 15.80 26.82 -6.18
C VAL D 101 16.10 28.27 -6.28
N THR D 102 17.28 28.68 -5.81
CA THR D 102 17.69 30.05 -5.97
C THR D 102 17.79 30.36 -7.45
N GLN D 103 18.06 31.61 -7.77
CA GLN D 103 18.42 31.95 -9.13
C GLN D 103 19.84 31.46 -9.44
N ASP D 104 20.68 31.26 -8.43
CA ASP D 104 22.04 30.71 -8.68
C ASP D 104 22.11 29.17 -8.68
N GLY D 105 20.97 28.52 -8.75
CA GLY D 105 20.94 27.08 -8.96
C GLY D 105 20.86 26.28 -7.69
N ASP D 106 20.80 26.95 -6.56
CA ASP D 106 20.78 26.22 -5.31
C ASP D 106 19.41 25.74 -4.95
N MET D 107 19.35 24.43 -4.85
CA MET D 107 18.14 23.74 -4.52
C MET D 107 17.95 23.92 -3.04
N ILE D 108 17.30 25.00 -2.68
CA ILE D 108 17.16 25.34 -1.27
C ILE D 108 16.14 24.45 -0.60
N PHE D 109 15.10 24.07 -1.34
CA PHE D 109 14.15 23.15 -0.75
C PHE D 109 13.75 22.00 -1.67
N LEU D 110 13.49 20.85 -1.05
CA LEU D 110 13.08 19.62 -1.72
C LEU D 110 12.18 18.78 -0.83
N SER D 111 11.12 18.25 -1.42
CA SER D 111 10.13 17.49 -0.66
C SER D 111 10.77 16.20 -0.21
N GLU D 112 10.25 15.59 0.84
CA GLU D 112 10.74 14.28 1.21
C GLU D 112 10.51 13.26 0.13
N ASN D 113 9.26 13.21 -0.32
CA ASN D 113 8.81 12.14 -1.21
C ASN D 113 9.54 12.14 -2.53
N ILE D 114 10.46 13.08 -2.69
CA ILE D 114 11.37 13.06 -3.82
C ILE D 114 12.05 11.68 -3.93
N SER D 115 12.39 11.09 -2.79
CA SER D 115 13.03 9.76 -2.78
C SER D 115 12.16 8.70 -3.44
N LYS D 116 10.84 8.85 -3.30
CA LYS D 116 9.89 7.97 -3.98
C LYS D 116 10.11 7.96 -5.48
N PHE D 117 10.29 9.14 -6.06
CA PHE D 117 10.44 9.25 -7.51
C PHE D 117 11.84 9.28 -8.12
N MET D 118 12.77 9.95 -7.45
CA MET D 118 14.13 10.04 -7.99
C MET D 118 15.11 9.04 -7.39
N GLY D 119 14.71 8.40 -6.29
CA GLY D 119 15.64 7.55 -5.55
C GLY D 119 16.50 8.38 -4.61
N LEU D 120 17.15 9.41 -5.15
CA LEU D 120 17.91 10.38 -4.38
C LEU D 120 17.09 11.05 -3.25
N THR D 121 17.53 10.94 -2.00
CA THR D 121 16.72 11.44 -0.88
C THR D 121 17.06 12.88 -0.61
N GLN D 122 16.06 13.72 -0.34
CA GLN D 122 16.24 15.15 -0.21
C GLN D 122 17.47 15.52 0.60
N VAL D 123 17.83 14.72 1.59
CA VAL D 123 18.97 15.07 2.45
C VAL D 123 20.28 15.22 1.69
N GLU D 124 20.52 14.33 0.74
CA GLU D 124 21.74 14.36 -0.06
C GLU D 124 21.82 15.47 -1.12
N LEU D 125 20.69 16.10 -1.43
CA LEU D 125 20.70 17.11 -2.49
C LEU D 125 20.64 18.57 -2.04
N THR D 126 19.89 18.82 -0.98
CA THR D 126 19.59 20.17 -0.52
C THR D 126 20.84 21.03 -0.32
N GLY D 127 20.83 22.24 -0.87
CA GLY D 127 21.97 23.13 -0.77
C GLY D 127 22.91 23.00 -1.95
N HIS D 128 22.69 21.98 -2.79
CA HIS D 128 23.51 21.82 -3.99
C HIS D 128 22.90 22.42 -5.25
N SER D 129 23.74 22.55 -6.27
CA SER D 129 23.36 23.13 -7.53
C SER D 129 22.50 22.20 -8.32
N ILE D 130 21.41 22.73 -8.86
CA ILE D 130 20.59 21.98 -9.79
C ILE D 130 21.41 21.36 -10.92
N PHE D 131 22.38 22.10 -11.44
CA PHE D 131 23.06 21.67 -12.64
C PHE D 131 23.84 20.41 -12.43
N ASP D 132 24.33 20.24 -11.21
CA ASP D 132 25.11 19.07 -10.86
C ASP D 132 24.28 17.81 -11.00
N PHE D 133 22.97 17.98 -11.10
CA PHE D 133 22.10 16.84 -11.14
C PHE D 133 21.20 16.89 -12.33
N THR D 134 21.38 17.91 -13.14
CA THR D 134 20.51 18.06 -14.27
C THR D 134 21.30 17.76 -15.48
N HIS D 135 20.60 17.20 -16.46
CA HIS D 135 21.13 17.02 -17.78
C HIS D 135 21.55 18.37 -18.28
N PRO D 136 22.84 18.52 -18.56
CA PRO D 136 23.44 19.79 -18.98
C PRO D 136 22.88 20.46 -20.23
N CYS D 137 22.50 19.70 -21.26
CA CYS D 137 21.95 20.33 -22.45
C CYS D 137 20.70 21.09 -22.03
N ASP D 138 19.94 20.47 -21.12
CA ASP D 138 18.71 21.03 -20.57
C ASP D 138 18.89 22.31 -19.74
N HIS D 139 20.07 22.50 -19.16
CA HIS D 139 20.33 23.64 -18.29
C HIS D 139 20.14 25.03 -18.92
N GLU D 140 20.61 25.22 -20.15
CA GLU D 140 20.43 26.52 -20.79
C GLU D 140 18.96 26.81 -20.62
N GLU D 141 18.15 25.76 -20.74
CA GLU D 141 16.73 25.90 -20.56
C GLU D 141 16.38 26.24 -19.13
N ILE D 142 17.03 25.50 -18.25
CA ILE D 142 16.93 25.65 -16.83
C ILE D 142 17.26 27.07 -16.48
N ARG D 143 18.40 27.48 -17.01
CA ARG D 143 18.93 28.78 -16.76
C ARG D 143 17.93 29.85 -17.16
N GLU D 144 17.22 29.59 -18.25
CA GLU D 144 16.21 30.50 -18.74
C GLU D 144 15.03 30.59 -17.81
N ASN D 145 14.53 29.44 -17.37
CA ASN D 145 13.35 29.43 -16.52
C ASN D 145 13.60 29.99 -15.13
N LEU D 146 14.87 30.04 -14.71
CA LEU D 146 15.21 30.58 -13.38
C LEU D 146 15.09 32.08 -13.21
N THR D 147 15.19 32.79 -14.33
CA THR D 147 15.46 34.21 -14.28
C THR D 147 14.26 35.05 -14.72
N LEU D 148 14.28 36.32 -14.30
CA LEU D 148 13.39 37.35 -14.82
C LEU D 148 11.94 37.00 -14.50
N THR D 163 5.67 35.45 -15.07
CA THR D 163 6.46 34.82 -14.02
C THR D 163 6.16 33.34 -13.95
N GLU D 164 5.24 32.90 -14.79
CA GLU D 164 4.83 31.52 -14.81
C GLU D 164 5.84 30.68 -15.57
N ARG D 165 6.07 29.46 -15.09
CA ARG D 165 7.05 28.57 -15.69
C ARG D 165 6.52 27.14 -15.90
N ASP D 166 6.77 26.59 -17.09
CA ASP D 166 6.35 25.25 -17.47
C ASP D 166 7.29 24.67 -18.48
N PHE D 167 7.93 23.57 -18.12
CA PHE D 167 8.90 22.97 -19.00
C PHE D 167 9.21 21.56 -18.57
N PHE D 168 10.12 20.90 -19.28
CA PHE D 168 10.55 19.56 -18.93
C PHE D 168 12.02 19.52 -18.70
N MET D 169 12.45 18.82 -17.65
CA MET D 169 13.87 18.65 -17.41
C MET D 169 14.29 17.19 -17.19
N ARG D 170 15.48 16.83 -17.63
CA ARG D 170 16.04 15.53 -17.32
C ARG D 170 16.94 15.52 -16.08
N MET D 171 16.63 14.65 -15.13
CA MET D 171 17.40 14.59 -13.88
C MET D 171 17.78 13.17 -13.47
N LYS D 172 18.87 13.04 -12.72
CA LYS D 172 19.36 11.74 -12.27
C LYS D 172 18.38 11.00 -11.36
N CYS D 173 18.13 9.75 -11.73
CA CYS D 173 17.24 8.82 -11.05
C CYS D 173 18.01 7.54 -10.77
N THR D 174 17.78 6.99 -9.59
CA THR D 174 18.47 5.78 -9.19
C THR D 174 17.51 4.79 -8.52
N VAL D 175 16.30 4.64 -9.05
CA VAL D 175 15.37 3.70 -8.44
C VAL D 175 14.87 2.62 -9.42
N THR D 176 15.43 2.62 -10.63
CA THR D 176 15.16 1.57 -11.63
C THR D 176 13.76 1.68 -12.25
N GLY D 179 11.35 -1.82 -10.99
CA GLY D 179 10.78 -1.93 -9.65
C GLY D 179 11.37 -0.86 -8.78
N ARG D 180 12.14 -1.27 -7.78
CA ARG D 180 12.85 -0.35 -6.91
C ARG D 180 14.34 -0.43 -7.12
N THR D 181 15.09 0.11 -6.17
CA THR D 181 16.54 0.15 -6.28
C THR D 181 17.15 -1.23 -6.52
N LEU D 184 24.42 5.72 -7.34
CA LEU D 184 24.54 7.02 -8.00
C LEU D 184 25.52 6.94 -9.17
N LYS D 185 26.48 6.03 -9.07
CA LYS D 185 27.42 5.77 -10.17
C LYS D 185 26.61 5.37 -11.40
N SER D 186 25.65 4.49 -11.14
CA SER D 186 24.72 3.96 -12.12
C SER D 186 23.44 4.79 -12.21
N ALA D 187 23.55 6.11 -12.38
CA ALA D 187 22.35 6.97 -12.32
C ALA D 187 21.81 7.35 -13.70
N THR D 188 20.61 6.86 -14.02
CA THR D 188 19.99 7.18 -15.32
C THR D 188 19.12 8.42 -15.31
N TRP D 189 18.91 9.05 -16.45
CA TRP D 189 18.08 10.25 -16.52
C TRP D 189 16.58 9.94 -16.49
N LYS D 190 15.84 10.83 -15.84
CA LYS D 190 14.39 10.75 -15.70
C LYS D 190 13.77 12.13 -15.96
N VAL D 191 12.78 12.21 -16.85
CA VAL D 191 12.14 13.48 -17.19
C VAL D 191 11.06 13.88 -16.23
N LEU D 192 11.14 15.17 -15.88
CA LEU D 192 10.21 15.82 -15.00
C LEU D 192 9.52 16.94 -15.69
N HIS D 193 8.20 16.85 -15.71
CA HIS D 193 7.44 17.96 -16.18
C HIS D 193 7.36 18.90 -14.99
N CYS D 194 7.84 20.12 -15.18
CA CYS D 194 8.05 21.09 -14.13
C CYS D 194 7.15 22.28 -14.33
N THR D 195 6.46 22.65 -13.26
CA THR D 195 5.42 23.65 -13.31
C THR D 195 5.42 24.48 -12.02
N GLY D 196 5.70 25.77 -12.14
CA GLY D 196 5.55 26.65 -10.99
C GLY D 196 5.81 28.11 -11.23
N GLN D 197 6.18 28.82 -10.18
CA GLN D 197 6.31 30.27 -10.21
C GLN D 197 7.64 30.78 -9.72
N VAL D 198 8.11 31.85 -10.37
CA VAL D 198 9.34 32.51 -9.96
C VAL D 198 8.96 33.75 -9.13
N ARG D 199 9.73 34.00 -8.07
CA ARG D 199 9.36 34.85 -6.94
C ARG D 199 10.58 35.51 -6.34
N VAL D 200 10.39 36.43 -5.40
CA VAL D 200 11.53 37.02 -4.71
C VAL D 200 11.46 36.84 -3.20
N SER D 219 15.55 36.41 -6.78
CA SER D 219 14.90 35.48 -7.70
C SER D 219 14.94 34.07 -7.15
N CYS D 220 13.83 33.36 -7.23
CA CYS D 220 13.68 32.07 -6.60
C CYS D 220 12.62 31.31 -7.37
N LEU D 221 12.89 30.06 -7.73
CA LEU D 221 11.94 29.34 -8.54
C LEU D 221 11.34 28.21 -7.73
N ILE D 222 10.01 28.24 -7.65
CA ILE D 222 9.24 27.26 -6.91
C ILE D 222 8.43 26.43 -7.86
N ILE D 223 8.67 25.13 -7.92
CA ILE D 223 7.93 24.35 -8.89
C ILE D 223 7.61 22.98 -8.38
N MET D 224 6.74 22.31 -9.12
CA MET D 224 6.55 20.89 -8.91
C MET D 224 7.04 20.11 -10.12
N CYS D 225 7.59 18.93 -9.84
CA CYS D 225 8.18 18.08 -10.85
C CYS D 225 7.43 16.78 -10.84
N GLU D 226 6.55 16.61 -11.80
CA GLU D 226 5.81 15.38 -11.88
C GLU D 226 6.58 14.64 -12.93
N PRO D 227 7.19 13.51 -12.54
CA PRO D 227 7.77 12.63 -13.55
C PRO D 227 6.65 12.00 -14.32
N ILE D 228 6.89 11.72 -15.58
CA ILE D 228 5.86 11.16 -16.41
C ILE D 228 6.03 9.65 -16.27
N GLN D 229 4.97 8.94 -15.87
CA GLN D 229 5.15 7.50 -15.62
C GLN D 229 5.13 6.79 -16.96
N HIS D 230 5.69 5.60 -16.97
CA HIS D 230 5.98 4.87 -18.18
C HIS D 230 4.86 3.90 -18.47
N PRO D 231 4.33 3.94 -19.71
CA PRO D 231 3.15 3.15 -20.09
C PRO D 231 3.37 1.66 -19.83
N SER D 232 4.58 1.18 -20.06
CA SER D 232 5.00 -0.14 -19.61
C SER D 232 4.69 -0.39 -18.13
N HIS D 233 5.07 0.59 -17.31
CA HIS D 233 5.13 0.40 -15.86
C HIS D 233 4.05 1.16 -15.12
N MET D 234 2.79 0.76 -15.28
CA MET D 234 1.70 1.49 -14.65
C MET D 234 0.89 0.75 -13.62
N ASP D 235 0.63 1.45 -12.53
CA ASP D 235 -0.22 0.97 -11.47
C ASP D 235 -1.48 1.80 -11.43
N ILE D 236 -1.53 2.76 -12.33
CA ILE D 236 -2.64 3.70 -12.32
C ILE D 236 -3.85 2.93 -12.83
N PRO D 237 -5.02 3.29 -12.31
CA PRO D 237 -6.27 2.62 -12.70
C PRO D 237 -6.70 2.93 -14.14
N LEU D 238 -7.17 1.91 -14.85
CA LEU D 238 -7.63 2.11 -16.22
C LEU D 238 -8.94 2.90 -16.25
N ASP D 239 -9.07 3.77 -17.25
CA ASP D 239 -10.28 4.58 -17.42
C ASP D 239 -10.81 4.41 -18.84
N SER D 240 -12.12 4.18 -18.97
CA SER D 240 -12.70 4.01 -20.30
C SER D 240 -12.40 5.15 -21.27
N LYS D 241 -12.33 6.38 -20.75
CA LYS D 241 -12.08 7.56 -21.57
C LYS D 241 -10.60 7.90 -21.77
N THR D 242 -9.75 6.88 -21.71
CA THR D 242 -8.35 7.01 -22.05
C THR D 242 -8.03 5.89 -22.98
N PHE D 243 -7.44 6.21 -24.11
CA PHE D 243 -7.02 5.14 -24.99
C PHE D 243 -5.55 5.30 -25.33
N LEU D 244 -5.01 4.31 -26.00
CA LEU D 244 -3.57 4.13 -26.09
C LEU D 244 -3.13 3.96 -27.50
N SER D 245 -1.99 4.54 -27.83
CA SER D 245 -1.53 4.42 -29.19
C SER D 245 -0.03 4.32 -29.29
N ARG D 246 0.41 3.89 -30.47
CA ARG D 246 1.82 3.74 -30.81
C ARG D 246 2.12 4.48 -32.11
N HIS D 247 3.26 5.15 -32.18
CA HIS D 247 3.59 5.86 -33.39
C HIS D 247 4.98 5.67 -33.88
N SER D 248 5.12 5.79 -35.19
CA SER D 248 6.45 5.90 -35.73
C SER D 248 6.98 7.23 -35.21
N MET D 249 8.23 7.50 -35.56
CA MET D 249 8.91 8.68 -35.08
C MET D 249 8.40 9.85 -35.87
N ASP D 250 7.93 9.52 -37.07
CA ASP D 250 7.26 10.47 -37.94
C ASP D 250 5.99 10.94 -37.27
N MET D 251 5.60 10.20 -36.24
CA MET D 251 4.35 10.39 -35.53
C MET D 251 3.22 9.86 -36.37
N LYS D 252 3.58 8.91 -37.22
CA LYS D 252 2.60 8.12 -37.91
C LYS D 252 2.18 6.98 -37.03
N PHE D 253 0.91 6.61 -37.11
CA PHE D 253 0.40 5.53 -36.29
C PHE D 253 1.07 4.25 -36.70
N THR D 254 1.24 3.38 -35.72
CA THR D 254 1.67 2.04 -36.02
C THR D 254 0.72 1.11 -35.28
N TYR D 255 0.21 1.54 -34.13
CA TYR D 255 -0.87 0.81 -33.46
C TYR D 255 -1.86 1.75 -32.77
N CYS D 256 -3.10 1.29 -32.58
CA CYS D 256 -4.10 2.02 -31.79
C CYS D 256 -5.21 1.13 -31.20
N ASP D 257 -5.62 1.46 -29.97
CA ASP D 257 -6.64 0.70 -29.25
C ASP D 257 -8.00 0.94 -29.86
N ASP D 258 -8.99 0.14 -29.50
CA ASP D 258 -10.31 0.25 -30.10
C ASP D 258 -11.20 0.93 -29.13
N ARG D 259 -10.59 1.55 -28.15
CA ARG D 259 -11.34 2.52 -27.43
C ARG D 259 -11.42 3.71 -28.34
N ILE D 260 -10.47 3.85 -29.24
CA ILE D 260 -10.46 4.98 -30.17
C ILE D 260 -11.79 5.04 -30.88
N LEU D 261 -12.33 3.89 -31.20
CA LEU D 261 -13.56 3.88 -31.94
C LEU D 261 -14.72 4.44 -31.15
N GLU D 262 -15.10 3.75 -30.08
CA GLU D 262 -16.13 4.22 -29.16
C GLU D 262 -15.90 5.69 -28.83
N LEU D 263 -14.64 6.11 -28.82
CA LEU D 263 -14.28 7.42 -28.31
C LEU D 263 -14.26 8.53 -29.37
N ILE D 264 -13.87 8.25 -30.62
CA ILE D 264 -13.78 9.31 -31.63
C ILE D 264 -14.38 8.94 -32.98
N GLY D 265 -14.58 7.65 -33.21
CA GLY D 265 -15.28 7.23 -34.40
C GLY D 265 -14.37 6.50 -35.37
N TYR D 266 -13.06 6.69 -35.20
CA TYR D 266 -12.06 6.09 -36.10
C TYR D 266 -11.80 4.58 -35.89
N HIS D 267 -11.59 3.82 -36.98
CA HIS D 267 -11.10 2.44 -36.89
C HIS D 267 -9.60 2.41 -36.95
N PRO D 268 -8.95 1.72 -35.99
CA PRO D 268 -7.48 1.77 -35.93
C PRO D 268 -6.86 1.42 -37.28
N GLU D 269 -7.37 0.34 -37.89
CA GLU D 269 -7.05 -0.02 -39.27
C GLU D 269 -6.79 1.19 -40.17
N GLU D 270 -7.77 2.09 -40.20
CA GLU D 270 -7.77 3.21 -41.12
C GLU D 270 -6.62 4.19 -40.82
N LEU D 271 -6.33 4.40 -39.55
CA LEU D 271 -5.34 5.38 -39.10
C LEU D 271 -3.92 4.91 -39.26
N LEU D 272 -3.74 3.63 -39.51
CA LEU D 272 -2.43 3.04 -39.36
C LEU D 272 -1.36 3.69 -40.23
N GLY D 273 -1.69 4.00 -41.46
CA GLY D 273 -0.66 4.50 -42.35
C GLY D 273 -0.40 5.98 -42.16
N ARG D 274 -0.93 6.54 -41.09
CA ARG D 274 -1.18 7.96 -41.11
C ARG D 274 -0.41 8.74 -40.05
N SER D 275 0.14 9.89 -40.44
CA SER D 275 0.79 10.78 -39.48
C SER D 275 -0.29 11.50 -38.70
N ALA D 276 -0.03 11.70 -37.41
CA ALA D 276 -0.98 12.36 -36.53
C ALA D 276 -1.34 13.80 -36.93
N TYR D 277 -0.43 14.46 -37.63
CA TYR D 277 -0.52 15.89 -37.90
C TYR D 277 -1.78 16.31 -38.67
N GLU D 278 -2.30 15.41 -39.48
CA GLU D 278 -3.53 15.62 -40.23
C GLU D 278 -4.82 15.68 -39.40
N PHE D 279 -4.74 15.24 -38.15
CA PHE D 279 -5.91 15.18 -37.31
C PHE D 279 -5.94 16.23 -36.23
N TYR D 280 -4.93 17.08 -36.18
CA TYR D 280 -5.03 18.17 -35.22
C TYR D 280 -5.97 19.16 -35.75
N HIS D 281 -6.68 19.78 -34.84
CA HIS D 281 -7.20 21.03 -35.22
C HIS D 281 -5.96 21.88 -35.40
N ALA D 282 -5.99 22.73 -36.41
CA ALA D 282 -4.85 23.57 -36.75
C ALA D 282 -4.33 24.48 -35.62
N LEU D 283 -5.22 25.22 -34.95
CA LEU D 283 -4.80 26.11 -33.85
C LEU D 283 -3.82 25.45 -32.86
N ASP D 284 -3.91 24.14 -32.74
CA ASP D 284 -3.10 23.38 -31.82
C ASP D 284 -1.65 23.24 -32.27
N SER D 285 -1.47 23.16 -33.57
CA SER D 285 -0.21 22.75 -34.22
C SER D 285 1.11 23.15 -33.55
N GLU D 286 1.39 24.45 -33.48
CA GLU D 286 2.62 24.94 -32.87
C GLU D 286 2.86 24.28 -31.50
N ASN D 287 1.87 24.31 -30.62
CA ASN D 287 1.99 23.73 -29.28
C ASN D 287 2.49 22.30 -29.34
N MET D 288 1.93 21.55 -30.31
CA MET D 288 2.24 20.14 -30.48
C MET D 288 3.63 19.92 -31.09
N THR D 289 4.04 20.84 -31.94
CA THR D 289 5.35 20.73 -32.57
C THR D 289 6.39 20.64 -31.49
N LYS D 290 6.33 21.64 -30.61
CA LYS D 290 7.26 21.78 -29.51
C LYS D 290 7.27 20.53 -28.66
N SER D 291 6.07 19.99 -28.46
CA SER D 291 5.94 18.79 -27.67
C SER D 291 6.71 17.70 -28.38
N HIS D 292 6.49 17.59 -29.68
CA HIS D 292 7.17 16.59 -30.49
C HIS D 292 8.67 16.81 -30.33
N GLN D 293 9.15 18.04 -30.42
CA GLN D 293 10.58 18.26 -30.31
C GLN D 293 11.07 17.80 -28.96
N ASN D 294 10.31 18.16 -27.94
CA ASN D 294 10.70 17.83 -26.60
C ASN D 294 10.59 16.34 -26.39
N LEU D 295 9.64 15.75 -27.10
CA LEU D 295 9.43 14.34 -26.99
C LEU D 295 10.67 13.63 -27.46
N CYS D 296 11.38 14.26 -28.39
CA CYS D 296 12.46 13.58 -29.07
C CYS D 296 13.80 13.91 -28.49
N THR D 297 13.94 15.17 -28.10
CA THR D 297 15.19 15.61 -27.52
C THR D 297 15.29 15.01 -26.13
N LYS D 298 14.15 14.93 -25.44
CA LYS D 298 14.16 14.41 -24.08
C LYS D 298 13.66 12.97 -23.96
N GLY D 299 12.84 12.51 -24.91
CA GLY D 299 12.30 11.16 -24.83
C GLY D 299 10.93 11.00 -24.20
N GLN D 300 10.39 12.08 -23.64
CA GLN D 300 9.06 12.07 -23.03
C GLN D 300 8.38 13.44 -23.07
N VAL D 301 7.06 13.49 -23.02
CA VAL D 301 6.35 14.77 -22.94
C VAL D 301 4.84 14.75 -22.69
N VAL D 302 4.33 15.68 -21.86
CA VAL D 302 2.89 15.80 -21.76
C VAL D 302 2.51 16.89 -22.74
N SER D 303 1.53 16.59 -23.58
CA SER D 303 1.07 17.54 -24.57
C SER D 303 0.23 18.62 -23.89
N GLY D 304 0.25 19.83 -24.45
CA GLY D 304 -0.76 20.78 -24.07
C GLY D 304 -2.10 20.19 -24.47
N GLN D 305 -3.18 20.77 -23.98
CA GLN D 305 -4.46 20.32 -24.47
C GLN D 305 -4.60 20.77 -25.93
N TYR D 306 -5.15 19.90 -26.77
CA TYR D 306 -5.31 20.18 -28.18
C TYR D 306 -6.54 19.51 -28.72
N ARG D 307 -7.03 19.99 -29.86
CA ARG D 307 -8.19 19.39 -30.49
C ARG D 307 -7.74 18.37 -31.51
N MET D 308 -8.35 17.20 -31.43
CA MET D 308 -8.25 16.25 -32.51
C MET D 308 -9.55 16.13 -33.27
N LEU D 309 -9.45 16.16 -34.60
CA LEU D 309 -10.58 16.11 -35.48
C LEU D 309 -11.27 14.77 -35.30
N ALA D 310 -12.58 14.79 -35.05
CA ALA D 310 -13.32 13.58 -34.81
C ALA D 310 -13.58 12.89 -36.13
N LYS D 311 -14.14 11.70 -36.10
CA LYS D 311 -14.24 10.90 -37.31
C LYS D 311 -15.27 11.47 -38.25
N HIS D 312 -16.38 11.86 -37.68
CA HIS D 312 -17.31 12.71 -38.37
C HIS D 312 -16.95 14.10 -37.91
N GLY D 313 -17.65 15.12 -38.41
CA GLY D 313 -17.29 16.47 -38.09
C GLY D 313 -17.03 16.78 -36.63
N GLY D 314 -16.41 17.91 -36.42
CA GLY D 314 -16.10 18.34 -35.08
C GLY D 314 -14.88 17.65 -34.59
N TYR D 315 -14.56 17.91 -33.34
CA TYR D 315 -13.35 17.40 -32.74
C TYR D 315 -13.56 17.21 -31.25
N VAL D 316 -12.60 16.55 -30.60
CA VAL D 316 -12.59 16.49 -29.16
C VAL D 316 -11.31 17.04 -28.59
N TRP D 317 -11.40 17.47 -27.33
CA TRP D 317 -10.23 17.91 -26.60
C TRP D 317 -9.38 16.77 -26.06
N LEU D 318 -8.09 17.04 -25.94
CA LEU D 318 -7.12 16.00 -25.66
C LEU D 318 -5.89 16.46 -24.90
N GLU D 319 -5.32 15.56 -24.11
CA GLU D 319 -3.99 15.73 -23.59
C GLU D 319 -3.23 14.40 -23.58
N THR D 320 -1.98 14.41 -24.01
CA THR D 320 -1.27 13.16 -24.22
C THR D 320 0.03 13.05 -23.45
N GLN D 321 0.33 11.84 -22.98
CA GLN D 321 1.65 11.51 -22.45
C GLN D 321 2.48 10.67 -23.41
N GLY D 322 3.41 11.31 -24.12
CA GLY D 322 4.24 10.66 -25.12
C GLY D 322 5.52 10.07 -24.56
N THR D 323 5.88 8.89 -25.03
CA THR D 323 7.00 8.18 -24.45
C THR D 323 7.78 7.40 -25.48
N VAL D 324 9.06 7.71 -25.59
CA VAL D 324 9.93 7.00 -26.50
C VAL D 324 10.34 5.66 -25.96
N ILE D 325 10.03 4.60 -26.68
CA ILE D 325 10.40 3.26 -26.27
C ILE D 325 11.68 2.81 -26.99
N TYR D 326 12.65 2.27 -26.26
CA TYR D 326 13.93 1.85 -26.86
C TYR D 326 14.13 0.35 -26.93
N ASN D 327 14.84 -0.14 -27.95
CA ASN D 327 15.03 -1.56 -28.07
C ASN D 327 15.96 -2.07 -26.95
N PRO D 328 15.46 -2.98 -26.08
CA PRO D 328 16.21 -3.44 -24.89
C PRO D 328 17.50 -4.19 -25.24
N ARG D 329 17.44 -5.06 -26.24
CA ARG D 329 18.60 -5.77 -26.74
C ARG D 329 19.48 -4.88 -27.62
N ASN D 330 18.84 -3.87 -28.20
CA ASN D 330 19.44 -3.02 -29.20
C ASN D 330 19.78 -1.60 -28.75
N LEU D 331 19.04 -1.08 -27.78
CA LEU D 331 19.20 0.31 -27.32
C LEU D 331 19.03 1.30 -28.44
N GLN D 332 18.42 0.84 -29.51
CA GLN D 332 18.01 1.76 -30.52
C GLN D 332 16.58 2.05 -30.21
N PRO D 333 16.13 3.24 -30.54
CA PRO D 333 14.75 3.67 -30.30
C PRO D 333 13.83 3.05 -31.33
N GLN D 334 12.61 2.72 -30.92
CA GLN D 334 11.67 2.09 -31.85
C GLN D 334 10.29 2.75 -32.05
N CYS D 335 9.77 3.43 -31.04
CA CYS D 335 8.46 4.06 -31.18
C CYS D 335 8.08 4.99 -30.05
N ILE D 336 6.98 5.70 -30.26
CA ILE D 336 6.41 6.50 -29.21
C ILE D 336 5.19 5.81 -28.61
N MET D 337 5.12 5.73 -27.28
CA MET D 337 3.90 5.26 -26.65
C MET D 337 3.14 6.39 -26.05
N CYS D 338 1.91 6.52 -26.52
CA CYS D 338 1.11 7.67 -26.18
C CYS D 338 -0.07 7.26 -25.37
N VAL D 339 -0.13 7.78 -24.15
CA VAL D 339 -1.30 7.65 -23.33
C VAL D 339 -2.17 8.85 -23.60
N ASN D 340 -3.39 8.60 -24.05
CA ASN D 340 -4.24 9.65 -24.56
C ASN D 340 -5.50 9.82 -23.72
N TYR D 341 -5.62 10.97 -23.06
CA TYR D 341 -6.76 11.29 -22.21
C TYR D 341 -7.80 12.13 -22.93
N VAL D 342 -8.98 11.58 -23.18
CA VAL D 342 -10.05 12.32 -23.85
C VAL D 342 -10.73 13.31 -22.93
N LEU D 343 -10.70 14.59 -23.29
CA LEU D 343 -11.16 15.60 -22.36
C LEU D 343 -12.59 16.05 -22.60
N SER D 344 -13.15 15.68 -23.74
CA SER D 344 -14.46 16.24 -24.07
C SER D 344 -15.35 15.29 -24.84
N GLU D 345 -16.56 15.74 -25.09
CA GLU D 345 -17.42 15.04 -26.04
C GLU D 345 -17.17 15.68 -27.41
N ILE D 346 -17.66 15.10 -28.51
CA ILE D 346 -17.40 15.74 -29.81
C ILE D 346 -18.06 17.08 -29.94
N GLU D 347 -17.20 18.03 -30.21
CA GLU D 347 -17.59 19.40 -30.19
C GLU D 347 -17.75 19.82 -31.63
N LYS D 348 -18.85 20.49 -31.87
CA LYS D 348 -19.22 20.92 -33.21
C LYS D 348 -19.21 19.72 -34.12
N ASN D 349 -19.89 18.65 -33.71
CA ASN D 349 -20.02 17.49 -34.60
C ASN D 349 -20.44 17.81 -36.03
N ASP D 350 -21.42 18.69 -36.14
CA ASP D 350 -21.90 19.12 -37.44
C ASP D 350 -20.86 19.77 -38.33
N VAL D 351 -19.84 20.36 -37.73
CA VAL D 351 -18.85 21.04 -38.54
C VAL D 351 -17.82 20.04 -38.97
N VAL D 352 -17.62 19.98 -40.26
CA VAL D 352 -16.63 19.12 -40.86
C VAL D 352 -15.36 19.90 -41.17
N PHE D 353 -14.23 19.43 -40.65
CA PHE D 353 -13.00 20.20 -40.73
C PHE D 353 -12.02 19.70 -41.76
N SER D 354 -11.91 18.38 -41.88
CA SER D 354 -10.93 17.74 -42.75
C SER D 354 -11.53 16.88 -43.85
N MET D 355 -10.74 16.65 -44.89
CA MET D 355 -11.23 15.87 -46.02
C MET D 355 -11.61 14.47 -45.59
N ASP D 356 -11.06 14.07 -44.46
CA ASP D 356 -11.24 12.74 -43.93
C ASP D 356 -12.63 12.55 -43.35
N GLN D 357 -13.18 13.61 -42.78
CA GLN D 357 -14.52 13.58 -42.20
C GLN D 357 -15.56 13.55 -43.31
N THR D 358 -15.18 14.09 -44.48
CA THR D 358 -16.09 14.25 -45.60
C THR D 358 -16.55 12.94 -46.23
N GLU D 359 -15.60 12.05 -46.46
CA GLU D 359 -15.87 10.79 -47.16
C GLU D 359 -16.96 10.00 -46.46
N SER D 360 -17.12 10.28 -45.17
CA SER D 360 -18.16 9.67 -44.35
C SER D 360 -19.54 9.96 -44.95
#